data_4N47
#
_entry.id   4N47
#
_cell.length_a   58.886
_cell.length_b   110.548
_cell.length_c   124.039
_cell.angle_alpha   90.000
_cell.angle_beta   90.000
_cell.angle_gamma   90.000
#
_symmetry.space_group_name_H-M   'P 21 21 21'
#
loop_
_entity.id
_entity.type
_entity.pdbx_description
1 polymer Argonaute
2 polymer "5'-D(*CP*CP*TP*AP*CP*TP*AP*CP*CP*TP*CP*G)-3'"
3 polymer "5'-D(P*TP*GP*AP*GP*GP*TP*AP*GP*TP*AP*GP*GP*TP*TP*GP*TP*AP*TP*AP*GP*T)-3'"
4 non-polymer 'MAGNESIUM ION'
#
loop_
_entity_poly.entity_id
_entity_poly.type
_entity_poly.pdbx_seq_one_letter_code
_entity_poly.pdbx_strand_id
1 'polypeptide(L)'
;MNHLGKTEVFLNRFALRPLNPEELRPWRLEVVLDPPPGREEVYPLLAQVARRAGGVTVRMGDGLASWSPPEVLVLEGTLA
RMGQTYAYRLYPKGRRPLDPKDPGERSVLSALARRLLQERLRRLEGVWVEGLAVYRREHARGPGWRVLGGAVLDLWVSDS
GAFLLEVDPAYRILCEMSLEAWLAQGHPLPKRVRNAYDRRTWELLRLGEEDPKELPLPGGLSLLDYHASKGRLQGREGGR
VAWVADPKDPRKPIPHLTGLLVPVLTLEDLHEEEGSLALSLPWEERRRRTREIASWIGRRLGLGTPEAVRAQAYRLSIPK
LMGRRAVSKPADALRVGFYRAQETALALLRLDGAQGWPEFLRRALLRAFGASGASLRLHTLHAHPSQGLAFREALRKAKE
EGVQAVLVLTPPMAWEDRNRLKALLLREGLPSQILNVPLREEERHRWENALLGLLAKAGLQVVALSGAYPAELAVGFDAG
GRESFRFGGAACAVGGDGGHLLWTLPEAQAGERIPQEVVWDLLEETLWAFRRKAGRLPSRVLLLRDGRVPQDEFALALEA
LAREGIAYDLVSVRKSGGGRVYPVQGRLADGLYVPLEDKTFLLLTVHRDFRGTPRPLKLVHEAGDTPLEALAHQIFHLTR
LYPASGFAFPRLPAPLHLADRLVKEVGRLGIRHLKEVDREKLFFV
;
A
2 'polydeoxyribonucleotide' (DC)(DC)(DT)(DA)(DC)(DT)(DA)(DC)(DC)(DT)(DC)(DG) D
3 'polydeoxyribonucleotide'
;(DT)(DG)(DA)(DG)(DG)(DT)(DA)(DG)(DT)(DA)(DG)(DG)(DT)(DT)(DG)(DT)(DA)(DT)(DA)(DG)
(DT)
;
C
#
loop_
_chem_comp.id
_chem_comp.type
_chem_comp.name
_chem_comp.formula
DA DNA linking 2'-DEOXYADENOSINE-5'-MONOPHOSPHATE 'C10 H14 N5 O6 P'
DC DNA linking 2'-DEOXYCYTIDINE-5'-MONOPHOSPHATE 'C9 H14 N3 O7 P'
DG DNA linking 2'-DEOXYGUANOSINE-5'-MONOPHOSPHATE 'C10 H14 N5 O7 P'
DT DNA linking THYMIDINE-5'-MONOPHOSPHATE 'C10 H15 N2 O8 P'
MG non-polymer 'MAGNESIUM ION' 'Mg 2'
#
# COMPACT_ATOMS: atom_id res chain seq x y z
N GLY A 5 -8.62 24.20 18.09
CA GLY A 5 -7.91 24.94 17.07
C GLY A 5 -8.30 24.50 15.67
N LYS A 6 -9.38 25.09 15.15
CA LYS A 6 -9.93 24.69 13.85
C LYS A 6 -9.48 25.56 12.69
N THR A 7 -9.62 25.00 11.49
CA THR A 7 -9.31 25.68 10.24
C THR A 7 -10.23 25.12 9.15
N GLU A 8 -10.01 25.56 7.92
CA GLU A 8 -10.80 25.08 6.79
C GLU A 8 -9.89 24.55 5.68
N VAL A 9 -10.36 23.53 4.96
CA VAL A 9 -9.54 22.90 3.93
C VAL A 9 -10.30 22.64 2.63
N PHE A 10 -9.55 22.42 1.56
CA PHE A 10 -10.10 21.97 0.29
C PHE A 10 -9.84 20.47 0.15
N LEU A 11 -10.83 19.75 -0.36
CA LEU A 11 -10.58 18.40 -0.82
C LEU A 11 -10.43 18.46 -2.34
N ASN A 12 -9.83 17.45 -2.93
CA ASN A 12 -9.71 17.43 -4.39
C ASN A 12 -10.99 17.04 -5.11
N ARG A 13 -12.14 17.45 -4.55
CA ARG A 13 -13.43 17.22 -5.18
C ARG A 13 -14.09 18.54 -5.54
N PHE A 14 -14.96 18.50 -6.55
CA PHE A 14 -15.56 19.69 -7.12
C PHE A 14 -17.03 19.47 -7.36
N ALA A 15 -17.86 20.38 -6.87
CA ALA A 15 -19.31 20.26 -7.05
C ALA A 15 -19.72 20.77 -8.43
N LEU A 16 -20.55 19.99 -9.10
CA LEU A 16 -21.06 20.35 -10.42
C LEU A 16 -22.58 20.39 -10.36
N ARG A 17 -23.22 20.58 -11.50
CA ARG A 17 -24.67 20.80 -11.53
C ARG A 17 -25.44 19.60 -11.01
N PRO A 18 -26.66 19.83 -10.50
CA PRO A 18 -27.55 18.74 -10.11
C PRO A 18 -28.09 18.01 -11.33
N LEU A 19 -28.41 16.72 -11.16
CA LEU A 19 -28.92 15.91 -12.25
C LEU A 19 -30.29 16.40 -12.73
N ASN A 20 -30.45 16.47 -14.06
CA ASN A 20 -31.69 16.87 -14.68
C ASN A 20 -32.72 15.73 -14.56
N PRO A 21 -34.01 15.99 -14.88
CA PRO A 21 -34.98 14.90 -14.69
C PRO A 21 -34.70 13.67 -15.55
N GLU A 22 -34.26 13.87 -16.79
CA GLU A 22 -33.98 12.75 -17.69
C GLU A 22 -32.88 11.83 -17.16
N GLU A 23 -31.94 12.41 -16.42
CA GLU A 23 -30.87 11.62 -15.82
C GLU A 23 -31.36 10.91 -14.57
N LEU A 24 -32.36 11.49 -13.93
CA LEU A 24 -32.95 10.87 -12.76
C LEU A 24 -33.88 9.75 -13.19
N ARG A 25 -34.30 9.80 -14.45
CA ARG A 25 -35.27 8.85 -14.97
C ARG A 25 -34.69 8.09 -16.17
N PRO A 26 -33.71 7.20 -15.92
CA PRO A 26 -33.02 6.51 -17.01
C PRO A 26 -33.73 5.26 -17.53
N TRP A 27 -33.43 4.92 -18.77
CA TRP A 27 -34.00 3.76 -19.43
C TRP A 27 -33.60 2.48 -18.72
N ARG A 28 -34.59 1.65 -18.43
CA ARG A 28 -34.40 0.39 -17.75
C ARG A 28 -34.52 -0.70 -18.80
N LEU A 29 -33.64 -1.69 -18.76
CA LEU A 29 -33.66 -2.71 -19.81
C LEU A 29 -33.40 -4.12 -19.28
N GLU A 30 -34.38 -5.01 -19.50
CA GLU A 30 -34.23 -6.41 -19.14
C GLU A 30 -33.25 -7.06 -20.09
N VAL A 31 -32.55 -8.09 -19.61
CA VAL A 31 -31.59 -8.79 -20.46
C VAL A 31 -31.83 -10.29 -20.47
N VAL A 32 -31.76 -10.89 -21.65
CA VAL A 32 -31.77 -12.34 -21.72
C VAL A 32 -30.53 -12.86 -22.44
N LEU A 33 -29.99 -13.95 -21.89
CA LEU A 33 -28.79 -14.56 -22.44
C LEU A 33 -29.09 -16.01 -22.77
N ASP A 34 -28.86 -16.39 -24.03
CA ASP A 34 -28.94 -17.78 -24.42
C ASP A 34 -27.54 -18.27 -24.69
N PRO A 35 -27.09 -19.29 -23.94
CA PRO A 35 -27.81 -20.03 -22.89
C PRO A 35 -27.92 -19.23 -21.60
N PRO A 36 -28.83 -19.64 -20.69
CA PRO A 36 -28.89 -19.01 -19.37
C PRO A 36 -27.69 -19.42 -18.54
N PRO A 37 -26.96 -18.43 -18.00
CA PRO A 37 -25.74 -18.64 -17.22
C PRO A 37 -26.05 -19.01 -15.78
N GLY A 38 -25.02 -19.28 -14.98
CA GLY A 38 -25.22 -19.69 -13.59
C GLY A 38 -25.61 -18.54 -12.67
N ARG A 39 -25.05 -18.56 -11.46
CA ARG A 39 -25.34 -17.50 -10.49
C ARG A 39 -24.09 -16.65 -10.29
N GLU A 40 -22.94 -17.32 -10.20
CA GLU A 40 -21.67 -16.64 -10.03
C GLU A 40 -21.02 -16.37 -11.38
N GLU A 41 -21.84 -16.00 -12.36
CA GLU A 41 -21.34 -15.75 -13.72
C GLU A 41 -22.16 -14.67 -14.41
N VAL A 42 -23.36 -14.42 -13.88
CA VAL A 42 -24.31 -13.51 -14.53
C VAL A 42 -23.88 -12.05 -14.49
N TYR A 43 -23.25 -11.63 -13.39
CA TYR A 43 -22.84 -10.23 -13.24
C TYR A 43 -21.72 -9.77 -14.22
N PRO A 44 -20.59 -10.50 -14.27
CA PRO A 44 -19.56 -10.13 -15.26
C PRO A 44 -20.13 -10.12 -16.66
N LEU A 45 -20.97 -11.11 -16.95
CA LEU A 45 -21.71 -11.15 -18.20
C LEU A 45 -22.45 -9.83 -18.42
N LEU A 46 -23.24 -9.41 -17.45
CA LEU A 46 -24.05 -8.18 -17.62
C LEU A 46 -23.20 -6.94 -17.84
N ALA A 47 -22.04 -6.88 -17.20
CA ALA A 47 -21.12 -5.78 -17.46
C ALA A 47 -20.65 -5.84 -18.91
N GLN A 48 -20.28 -7.04 -19.36
CA GLN A 48 -19.83 -7.20 -20.75
C GLN A 48 -20.93 -6.80 -21.73
N VAL A 49 -22.17 -7.12 -21.38
CA VAL A 49 -23.32 -6.78 -22.21
C VAL A 49 -23.48 -5.28 -22.23
N ALA A 50 -23.23 -4.63 -21.10
CA ALA A 50 -23.38 -3.19 -21.01
C ALA A 50 -22.35 -2.50 -21.88
N ARG A 51 -21.14 -3.01 -21.88
CA ARG A 51 -20.10 -2.46 -22.74
C ARG A 51 -20.46 -2.73 -24.18
N ARG A 52 -21.11 -3.87 -24.42
CA ARG A 52 -21.48 -4.27 -25.78
C ARG A 52 -22.58 -3.39 -26.36
N ALA A 53 -23.59 -3.08 -25.55
CA ALA A 53 -24.74 -2.28 -25.95
C ALA A 53 -24.32 -0.92 -26.49
N GLY A 54 -23.23 -0.40 -25.96
CA GLY A 54 -22.78 0.93 -26.31
C GLY A 54 -23.50 1.92 -25.44
N GLY A 55 -23.51 3.18 -25.84
CA GLY A 55 -24.14 4.24 -25.07
C GLY A 55 -23.64 4.35 -23.64
N VAL A 56 -24.34 5.16 -22.86
CA VAL A 56 -24.00 5.37 -21.47
C VAL A 56 -24.85 4.43 -20.65
N THR A 57 -24.55 3.13 -20.77
CA THR A 57 -25.30 2.13 -20.02
C THR A 57 -24.43 1.35 -19.04
N VAL A 58 -25.03 0.98 -17.91
CA VAL A 58 -24.37 0.20 -16.87
C VAL A 58 -25.28 -0.92 -16.43
N ARG A 59 -24.75 -1.82 -15.61
CA ARG A 59 -25.56 -2.88 -15.00
C ARG A 59 -26.37 -2.35 -13.81
N MET A 60 -27.65 -2.74 -13.76
CA MET A 60 -28.50 -2.47 -12.60
C MET A 60 -29.27 -3.71 -12.22
N GLY A 61 -28.92 -4.28 -11.07
CA GLY A 61 -29.53 -5.53 -10.65
C GLY A 61 -29.20 -6.64 -11.62
N ASP A 62 -30.22 -7.33 -12.12
CA ASP A 62 -30.00 -8.35 -13.13
C ASP A 62 -30.35 -7.81 -14.52
N GLY A 63 -30.36 -6.50 -14.64
CA GLY A 63 -30.65 -5.85 -15.90
C GLY A 63 -29.67 -4.72 -16.18
N LEU A 64 -30.10 -3.77 -17.00
CA LEU A 64 -29.28 -2.63 -17.34
C LEU A 64 -30.02 -1.31 -17.14
N ALA A 65 -29.25 -0.23 -17.03
CA ALA A 65 -29.80 1.12 -16.99
C ALA A 65 -28.98 2.01 -17.93
N SER A 66 -29.64 3.00 -18.53
CA SER A 66 -28.98 3.78 -19.57
C SER A 66 -29.48 5.22 -19.61
N TRP A 67 -28.59 6.13 -20.00
CA TRP A 67 -28.94 7.52 -20.26
C TRP A 67 -29.02 7.75 -21.76
N SER A 68 -28.63 6.74 -22.53
CA SER A 68 -28.73 6.80 -23.99
C SER A 68 -30.00 6.09 -24.43
N PRO A 69 -30.71 6.65 -25.41
CA PRO A 69 -31.98 6.07 -25.87
C PRO A 69 -31.76 4.69 -26.48
N PRO A 70 -32.72 3.77 -26.30
CA PRO A 70 -32.64 2.39 -26.79
C PRO A 70 -32.35 2.32 -28.28
N GLU A 71 -32.75 3.35 -28.99
CA GLU A 71 -32.62 3.42 -30.43
C GLU A 71 -31.18 3.62 -30.95
N VAL A 72 -30.23 3.87 -30.05
CA VAL A 72 -28.83 4.01 -30.46
C VAL A 72 -27.96 2.97 -29.78
N LEU A 73 -28.59 2.13 -28.96
CA LEU A 73 -27.91 0.98 -28.39
C LEU A 73 -27.95 -0.21 -29.34
N VAL A 74 -26.98 -1.11 -29.19
CA VAL A 74 -27.02 -2.39 -29.89
C VAL A 74 -27.86 -3.38 -29.09
N LEU A 75 -29.06 -3.67 -29.60
CA LEU A 75 -30.08 -4.37 -28.82
C LEU A 75 -29.90 -5.88 -28.79
N GLU A 76 -29.47 -6.46 -29.91
CA GLU A 76 -29.21 -7.90 -30.00
C GLU A 76 -27.74 -8.09 -30.29
N GLY A 77 -27.14 -9.14 -29.77
CA GLY A 77 -25.74 -9.36 -30.09
C GLY A 77 -25.12 -10.66 -29.61
N THR A 78 -23.85 -10.81 -29.92
CA THR A 78 -23.10 -12.02 -29.61
C THR A 78 -21.93 -11.67 -28.71
N LEU A 79 -21.52 -12.62 -27.87
CA LEU A 79 -20.54 -12.36 -26.84
C LEU A 79 -19.80 -13.64 -26.49
N ALA A 80 -18.61 -13.52 -25.90
CA ALA A 80 -17.87 -14.71 -25.46
C ALA A 80 -17.21 -14.47 -24.11
N ARG A 81 -17.52 -15.32 -23.14
CA ARG A 81 -16.93 -15.21 -21.82
C ARG A 81 -15.86 -16.29 -21.61
N MET A 82 -16.13 -17.23 -20.71
CA MET A 82 -15.13 -18.23 -20.37
C MET A 82 -15.26 -19.48 -21.21
N GLY A 83 -15.48 -19.30 -22.52
CA GLY A 83 -15.68 -20.41 -23.43
C GLY A 83 -17.11 -20.45 -23.94
N GLN A 84 -18.06 -20.33 -23.02
CA GLN A 84 -19.47 -20.28 -23.38
C GLN A 84 -19.74 -19.02 -24.18
N THR A 85 -20.04 -19.19 -25.47
CA THR A 85 -20.41 -18.04 -26.28
C THR A 85 -21.92 -17.79 -26.17
N TYR A 86 -22.29 -16.59 -25.79
CA TYR A 86 -23.69 -16.24 -25.52
C TYR A 86 -24.28 -15.33 -26.59
N ALA A 87 -25.60 -15.34 -26.66
CA ALA A 87 -26.34 -14.35 -27.41
C ALA A 87 -27.14 -13.54 -26.40
N TYR A 88 -27.22 -12.23 -26.61
CA TYR A 88 -27.97 -11.39 -25.71
C TYR A 88 -29.07 -10.64 -26.44
N ARG A 89 -30.22 -10.57 -25.79
CA ARG A 89 -31.33 -9.75 -26.25
C ARG A 89 -31.79 -8.78 -25.16
N LEU A 90 -31.86 -7.49 -25.52
CA LEU A 90 -32.28 -6.42 -24.62
C LEU A 90 -33.75 -6.06 -24.78
N TYR A 91 -34.46 -5.88 -23.67
CA TYR A 91 -35.87 -5.48 -23.69
C TYR A 91 -36.12 -4.23 -22.87
N PRO A 92 -36.35 -3.08 -23.55
CA PRO A 92 -36.66 -1.83 -22.86
C PRO A 92 -37.86 -2.03 -21.94
N LYS A 93 -37.74 -1.55 -20.70
CA LYS A 93 -38.77 -1.79 -19.70
C LYS A 93 -39.26 -0.47 -19.12
N GLY A 94 -39.06 0.60 -19.89
CA GLY A 94 -39.46 1.93 -19.44
C GLY A 94 -38.36 2.65 -18.68
N ARG A 95 -38.69 3.80 -18.09
CA ARG A 95 -37.69 4.60 -17.39
C ARG A 95 -37.91 4.58 -15.88
N ARG A 96 -36.91 4.14 -15.14
CA ARG A 96 -37.07 3.99 -13.70
C ARG A 96 -36.41 5.13 -12.92
N PRO A 97 -37.22 6.05 -12.38
CA PRO A 97 -36.73 7.18 -11.59
C PRO A 97 -36.08 6.71 -10.29
N LEU A 98 -34.76 6.91 -10.17
CA LEU A 98 -34.04 6.51 -8.95
C LEU A 98 -33.86 7.68 -7.99
N ASP A 99 -33.82 7.37 -6.69
CA ASP A 99 -33.60 8.39 -5.68
C ASP A 99 -32.18 8.30 -5.14
N PRO A 100 -31.48 9.44 -5.08
CA PRO A 100 -30.10 9.52 -4.59
C PRO A 100 -29.96 9.22 -3.11
N LYS A 101 -31.02 9.45 -2.34
CA LYS A 101 -31.00 9.18 -0.91
C LYS A 101 -30.92 7.67 -0.66
N ASP A 102 -31.36 6.89 -1.64
CA ASP A 102 -31.22 5.44 -1.59
C ASP A 102 -29.87 5.03 -2.15
N PRO A 103 -29.07 4.35 -1.32
CA PRO A 103 -27.69 3.96 -1.66
C PRO A 103 -27.57 3.10 -2.91
N GLY A 104 -28.47 2.15 -3.11
CA GLY A 104 -28.42 1.29 -4.28
C GLY A 104 -28.63 2.07 -5.56
N GLU A 105 -29.70 2.85 -5.56
CA GLU A 105 -30.00 3.75 -6.67
C GLU A 105 -28.87 4.75 -6.90
N ARG A 106 -28.30 5.28 -5.82
CA ARG A 106 -27.21 6.25 -5.97
C ARG A 106 -25.98 5.58 -6.55
N SER A 107 -25.78 4.31 -6.22
CA SER A 107 -24.63 3.56 -6.73
C SER A 107 -24.81 3.37 -8.24
N VAL A 108 -26.03 3.05 -8.64
CA VAL A 108 -26.32 2.93 -10.07
C VAL A 108 -26.09 4.27 -10.77
N LEU A 109 -26.58 5.34 -10.17
CA LEU A 109 -26.44 6.68 -10.73
C LEU A 109 -24.99 7.10 -10.87
N SER A 110 -24.17 6.70 -9.91
CA SER A 110 -22.74 7.00 -9.89
C SER A 110 -22.00 6.21 -10.96
N ALA A 111 -22.46 4.99 -11.20
CA ALA A 111 -21.93 4.19 -12.30
C ALA A 111 -22.25 4.86 -13.64
N LEU A 112 -23.48 5.36 -13.75
CA LEU A 112 -23.90 6.03 -14.97
C LEU A 112 -23.07 7.27 -15.19
N ALA A 113 -22.78 7.97 -14.10
CA ALA A 113 -21.94 9.16 -14.15
C ALA A 113 -20.51 8.85 -14.58
N ARG A 114 -19.92 7.79 -14.02
CA ARG A 114 -18.59 7.34 -14.47
C ARG A 114 -18.60 7.02 -15.96
N ARG A 115 -19.68 6.39 -16.42
CA ARG A 115 -19.84 6.07 -17.83
C ARG A 115 -19.91 7.33 -18.68
N LEU A 116 -20.69 8.29 -18.20
CA LEU A 116 -20.87 9.57 -18.86
C LEU A 116 -19.51 10.24 -19.03
N LEU A 117 -18.73 10.25 -17.96
CA LEU A 117 -17.38 10.82 -17.98
C LEU A 117 -16.52 10.13 -19.02
N GLN A 118 -16.48 8.81 -18.97
CA GLN A 118 -15.69 8.05 -19.94
C GLN A 118 -16.05 8.35 -21.39
N GLU A 119 -17.34 8.39 -21.69
CA GLU A 119 -17.77 8.66 -23.06
C GLU A 119 -17.43 10.08 -23.47
N ARG A 120 -17.59 11.03 -22.56
CA ARG A 120 -17.30 12.41 -22.89
C ARG A 120 -15.80 12.62 -23.09
N LEU A 121 -14.99 11.85 -22.37
CA LEU A 121 -13.55 11.92 -22.52
C LEU A 121 -13.13 11.33 -23.86
N ARG A 122 -13.77 10.23 -24.26
CA ARG A 122 -13.46 9.58 -25.54
C ARG A 122 -13.66 10.52 -26.73
N ARG A 123 -14.75 11.27 -26.74
CA ARG A 123 -14.98 12.25 -27.79
C ARG A 123 -14.45 13.63 -27.40
N LEU A 124 -13.12 13.72 -27.24
CA LEU A 124 -12.51 14.97 -26.83
C LEU A 124 -11.24 15.25 -27.63
N GLU A 125 -11.14 16.47 -28.16
CA GLU A 125 -10.07 16.81 -29.10
C GLU A 125 -8.77 17.26 -28.42
N GLY A 126 -7.65 16.87 -29.03
CA GLY A 126 -6.34 17.38 -28.65
C GLY A 126 -5.71 16.71 -27.45
N VAL A 127 -6.50 15.92 -26.74
CA VAL A 127 -6.00 15.29 -25.52
C VAL A 127 -5.65 13.84 -25.76
N TRP A 128 -4.90 13.26 -24.83
CA TRP A 128 -4.57 11.84 -24.88
C TRP A 128 -5.31 11.14 -23.75
N VAL A 129 -6.27 10.28 -24.09
CA VAL A 129 -7.18 9.73 -23.09
C VAL A 129 -7.03 8.23 -22.90
N GLU A 130 -7.06 7.80 -21.65
CA GLU A 130 -6.95 6.38 -21.30
C GLU A 130 -7.81 6.11 -20.06
N GLY A 131 -8.96 5.47 -20.28
CA GLY A 131 -9.85 5.13 -19.18
C GLY A 131 -10.54 6.37 -18.68
N LEU A 132 -10.37 6.64 -17.39
CA LEU A 132 -10.86 7.88 -16.78
C LEU A 132 -9.72 8.85 -16.58
N ALA A 133 -8.55 8.51 -17.11
CA ALA A 133 -7.41 9.40 -17.01
C ALA A 133 -7.32 10.26 -18.26
N VAL A 134 -6.96 11.52 -18.09
CA VAL A 134 -6.76 12.37 -19.24
C VAL A 134 -5.39 13.04 -19.15
N TYR A 135 -4.69 13.09 -20.27
CA TYR A 135 -3.35 13.65 -20.30
C TYR A 135 -3.28 14.74 -21.34
N ARG A 136 -2.73 15.89 -20.94
CA ARG A 136 -2.83 17.14 -21.70
C ARG A 136 -1.48 17.69 -22.14
N ARG A 137 -0.41 17.24 -21.50
CA ARG A 137 0.91 17.82 -21.74
C ARG A 137 2.04 16.80 -21.81
N GLU A 138 3.03 17.06 -22.68
CA GLU A 138 4.20 16.20 -22.76
C GLU A 138 5.29 16.71 -21.81
N HIS A 139 5.56 15.93 -20.78
CA HIS A 139 6.47 16.32 -19.75
C HIS A 139 7.88 15.88 -20.03
N ALA A 140 8.03 14.85 -20.84
CA ALA A 140 9.34 14.36 -21.27
C ALA A 140 9.21 13.51 -22.52
N ARG A 141 10.30 13.43 -23.28
CA ARG A 141 10.35 12.61 -24.48
C ARG A 141 11.74 12.05 -24.62
N GLY A 142 11.86 10.93 -25.31
CA GLY A 142 13.16 10.34 -25.55
C GLY A 142 13.08 9.49 -26.79
N PRO A 143 14.24 9.05 -27.27
CA PRO A 143 14.28 8.22 -28.48
C PRO A 143 13.37 7.02 -28.33
N GLY A 144 12.08 7.21 -28.59
CA GLY A 144 11.13 6.11 -28.56
C GLY A 144 10.12 6.12 -27.43
N TRP A 145 10.24 7.07 -26.50
CA TRP A 145 9.33 7.09 -25.36
C TRP A 145 8.84 8.50 -25.00
N ARG A 146 7.93 8.54 -24.04
CA ARG A 146 7.22 9.75 -23.70
C ARG A 146 6.70 9.70 -22.27
N VAL A 147 6.64 10.85 -21.62
CA VAL A 147 6.04 10.96 -20.29
C VAL A 147 4.97 12.04 -20.35
N LEU A 148 3.71 11.63 -20.26
CA LEU A 148 2.61 12.57 -20.38
C LEU A 148 2.13 12.99 -19.00
N GLY A 149 1.59 14.20 -18.92
CA GLY A 149 1.09 14.74 -17.67
C GLY A 149 -0.38 15.07 -17.77
N GLY A 150 -1.12 14.76 -16.73
CA GLY A 150 -2.56 14.99 -16.70
C GLY A 150 -3.16 14.66 -15.35
N ALA A 151 -4.21 13.85 -15.34
CA ALA A 151 -4.94 13.59 -14.10
C ALA A 151 -5.87 12.41 -14.23
N VAL A 152 -6.01 11.68 -13.12
CA VAL A 152 -7.03 10.67 -12.98
C VAL A 152 -8.29 11.32 -12.42
N LEU A 153 -9.37 11.21 -13.17
CA LEU A 153 -10.65 11.80 -12.80
C LEU A 153 -11.62 10.76 -12.28
N ASP A 154 -12.63 11.21 -11.56
CA ASP A 154 -13.72 10.36 -11.15
C ASP A 154 -14.96 11.23 -11.15
N LEU A 155 -16.13 10.61 -11.23
CA LEU A 155 -17.36 11.37 -11.34
C LEU A 155 -18.45 10.51 -10.73
N TRP A 156 -19.09 11.01 -9.68
CA TRP A 156 -20.19 10.25 -9.09
C TRP A 156 -21.35 11.15 -8.70
N VAL A 157 -22.32 10.58 -7.99
CA VAL A 157 -23.52 11.32 -7.60
C VAL A 157 -23.64 11.39 -6.08
N SER A 158 -23.85 12.59 -5.55
CA SER A 158 -24.07 12.74 -4.12
C SER A 158 -25.48 12.31 -3.77
N ASP A 159 -25.73 12.02 -2.50
CA ASP A 159 -27.07 11.66 -2.05
C ASP A 159 -28.06 12.80 -2.24
N SER A 160 -27.53 13.99 -2.49
CA SER A 160 -28.35 15.18 -2.71
C SER A 160 -28.75 15.31 -4.18
N GLY A 161 -28.29 14.36 -4.99
CA GLY A 161 -28.61 14.32 -6.40
C GLY A 161 -27.81 15.28 -7.27
N ALA A 162 -26.53 15.43 -6.95
CA ALA A 162 -25.66 16.32 -7.72
C ALA A 162 -24.38 15.61 -8.12
N PHE A 163 -23.79 16.06 -9.23
CA PHE A 163 -22.54 15.50 -9.70
C PHE A 163 -21.35 15.91 -8.82
N LEU A 164 -20.39 15.01 -8.71
CA LEU A 164 -19.17 15.26 -7.97
C LEU A 164 -17.97 14.84 -8.79
N LEU A 165 -17.09 15.80 -9.07
CA LEU A 165 -15.87 15.53 -9.81
C LEU A 165 -14.74 15.28 -8.83
N GLU A 166 -13.91 14.29 -9.09
CA GLU A 166 -12.67 14.14 -8.34
C GLU A 166 -11.49 14.22 -9.30
N VAL A 167 -10.48 15.01 -8.94
CA VAL A 167 -9.31 15.18 -9.81
C VAL A 167 -8.02 14.90 -9.03
N ASP A 168 -7.17 14.03 -9.57
CA ASP A 168 -5.81 13.94 -9.03
C ASP A 168 -4.76 13.83 -10.12
N PRO A 169 -3.89 14.85 -10.21
CA PRO A 169 -2.83 14.94 -11.22
C PRO A 169 -1.94 13.71 -11.21
N ALA A 170 -1.49 13.29 -12.40
CA ALA A 170 -0.58 12.16 -12.51
C ALA A 170 0.19 12.19 -13.82
N TYR A 171 1.30 11.46 -13.85
CA TYR A 171 2.05 11.25 -15.09
C TYR A 171 1.84 9.82 -15.58
N ARG A 172 2.13 9.62 -16.86
CA ARG A 172 1.97 8.32 -17.50
C ARG A 172 3.15 8.10 -18.44
N ILE A 173 3.88 7.02 -18.22
CA ILE A 173 5.01 6.67 -19.09
C ILE A 173 4.55 5.78 -20.23
N LEU A 174 4.77 6.24 -21.46
CA LEU A 174 4.34 5.52 -22.64
C LEU A 174 5.47 5.25 -23.62
N CYS A 175 5.36 4.12 -24.31
CA CYS A 175 6.33 3.68 -25.30
C CYS A 175 5.70 3.69 -26.67
N GLU A 176 6.34 4.40 -27.60
CA GLU A 176 5.80 4.56 -28.95
C GLU A 176 6.36 3.52 -29.92
N MET A 177 7.14 2.58 -29.41
CA MET A 177 7.85 1.64 -30.27
C MET A 177 7.51 0.18 -30.00
N SER A 178 7.76 -0.65 -31.00
CA SER A 178 7.72 -2.09 -30.85
C SER A 178 9.05 -2.50 -30.23
N LEU A 179 9.11 -3.73 -29.74
CA LEU A 179 10.31 -4.22 -29.08
C LEU A 179 11.54 -4.19 -29.99
N GLU A 180 11.35 -4.48 -31.27
CA GLU A 180 12.48 -4.50 -32.19
C GLU A 180 13.04 -3.11 -32.46
N ALA A 181 12.15 -2.14 -32.65
CA ALA A 181 12.57 -0.76 -32.87
C ALA A 181 13.18 -0.19 -31.59
N TRP A 182 12.69 -0.68 -30.45
CA TRP A 182 13.21 -0.27 -29.16
C TRP A 182 14.63 -0.78 -28.98
N LEU A 183 14.88 -2.00 -29.43
CA LEU A 183 16.21 -2.58 -29.32
C LEU A 183 17.15 -1.97 -30.35
N ALA A 184 16.57 -1.48 -31.44
CA ALA A 184 17.35 -0.89 -32.52
C ALA A 184 17.85 0.50 -32.18
N GLN A 185 17.35 1.06 -31.08
CA GLN A 185 17.85 2.34 -30.58
C GLN A 185 18.95 2.08 -29.57
N GLY A 186 19.26 0.81 -29.35
CA GLY A 186 20.34 0.42 -28.46
C GLY A 186 19.93 0.35 -27.01
N HIS A 187 18.67 0.65 -26.73
CA HIS A 187 18.15 0.60 -25.37
C HIS A 187 18.25 -0.82 -24.85
N PRO A 188 18.46 -0.97 -23.54
CA PRO A 188 18.55 -2.30 -22.91
C PRO A 188 17.22 -3.05 -22.99
N LEU A 189 17.26 -4.37 -22.83
CA LEU A 189 16.04 -5.17 -22.87
C LEU A 189 15.18 -4.97 -21.63
N PRO A 190 13.89 -4.64 -21.84
CA PRO A 190 12.94 -4.47 -20.74
C PRO A 190 12.61 -5.79 -20.09
N LYS A 191 12.18 -5.75 -18.82
CA LYS A 191 11.85 -6.96 -18.10
C LYS A 191 10.45 -7.43 -18.49
N ARG A 192 9.52 -6.49 -18.61
CA ARG A 192 8.15 -6.81 -18.98
C ARG A 192 7.80 -6.26 -20.36
N VAL A 193 6.94 -6.98 -21.06
CA VAL A 193 6.63 -6.66 -22.45
C VAL A 193 5.17 -7.05 -22.74
N ARG A 194 4.60 -6.56 -23.84
CA ARG A 194 3.17 -6.70 -24.11
C ARG A 194 2.93 -7.18 -25.53
N ASN A 195 1.81 -7.85 -25.77
CA ASN A 195 1.41 -8.19 -27.13
C ASN A 195 0.95 -6.92 -27.83
N ALA A 196 1.47 -6.66 -29.02
CA ALA A 196 1.07 -5.48 -29.77
C ALA A 196 -0.38 -5.61 -30.24
N TYR A 197 -0.89 -6.83 -30.20
CA TYR A 197 -2.20 -7.16 -30.77
C TYR A 197 -3.30 -7.36 -29.72
N ASP A 198 -2.90 -7.47 -28.45
CA ASP A 198 -3.87 -7.52 -27.36
C ASP A 198 -3.28 -6.93 -26.09
N ARG A 199 -3.84 -7.28 -24.94
CA ARG A 199 -3.41 -6.68 -23.69
C ARG A 199 -2.62 -7.61 -22.79
N ARG A 200 -2.31 -8.81 -23.26
CA ARG A 200 -1.56 -9.78 -22.46
C ARG A 200 -0.11 -9.35 -22.31
N THR A 201 0.47 -9.60 -21.15
CA THR A 201 1.86 -9.24 -20.87
C THR A 201 2.71 -10.43 -20.46
N TRP A 202 4.02 -10.31 -20.67
CA TRP A 202 4.96 -11.37 -20.35
C TRP A 202 6.22 -10.77 -19.77
N GLU A 203 7.08 -11.62 -19.22
CA GLU A 203 8.40 -11.19 -18.81
C GLU A 203 9.44 -11.60 -19.85
N LEU A 204 10.23 -10.64 -20.30
CA LEU A 204 11.19 -10.87 -21.36
C LEU A 204 12.41 -11.58 -20.82
N LEU A 205 12.69 -12.77 -21.34
CA LEU A 205 13.81 -13.56 -20.87
C LEU A 205 15.09 -13.26 -21.63
N ARG A 206 15.01 -13.32 -22.96
CA ARG A 206 16.19 -13.10 -23.81
C ARG A 206 15.80 -13.09 -25.28
N LEU A 207 16.81 -13.01 -26.14
CA LEU A 207 16.59 -13.06 -27.59
C LEU A 207 17.05 -14.40 -28.17
N GLY A 208 16.56 -14.73 -29.36
CA GLY A 208 16.96 -15.95 -30.03
C GLY A 208 17.04 -15.76 -31.53
N GLU A 209 18.04 -16.36 -32.16
CA GLU A 209 18.21 -16.23 -33.60
C GLU A 209 17.73 -17.47 -34.34
N GLU A 210 17.02 -18.34 -33.62
CA GLU A 210 16.40 -19.49 -34.27
C GLU A 210 15.31 -19.04 -35.24
N ASP A 211 15.69 -18.82 -36.46
CA ASP A 211 14.94 -17.98 -37.32
C ASP A 211 13.47 -18.34 -37.39
N PRO A 212 12.71 -17.27 -37.31
CA PRO A 212 11.24 -17.22 -37.21
C PRO A 212 10.55 -18.02 -38.27
N LYS A 213 11.20 -18.15 -39.43
CA LYS A 213 10.62 -18.90 -40.53
C LYS A 213 10.68 -20.40 -40.27
N GLU A 214 11.79 -20.87 -39.70
CA GLU A 214 11.98 -22.29 -39.44
C GLU A 214 12.04 -22.60 -37.94
N LEU A 215 10.92 -22.39 -37.26
CA LEU A 215 10.82 -22.71 -35.84
C LEU A 215 9.53 -23.47 -35.60
N PRO A 216 9.63 -24.81 -35.53
CA PRO A 216 8.45 -25.67 -35.41
C PRO A 216 7.65 -25.33 -34.16
N LEU A 217 6.34 -25.25 -34.31
CA LEU A 217 5.48 -24.90 -33.21
C LEU A 217 4.32 -25.88 -33.06
N PRO A 218 4.47 -26.82 -32.12
CA PRO A 218 3.55 -27.88 -31.68
C PRO A 218 2.59 -28.29 -32.77
N GLY A 219 3.00 -29.23 -33.61
CA GLY A 219 2.14 -29.80 -34.64
C GLY A 219 1.66 -28.81 -35.68
N GLY A 220 2.39 -28.70 -36.78
CA GLY A 220 1.95 -27.86 -37.89
C GLY A 220 2.94 -26.79 -38.33
N LEU A 221 2.49 -25.54 -38.29
CA LEU A 221 3.21 -24.43 -38.90
C LEU A 221 4.18 -23.71 -37.97
N SER A 222 4.97 -22.80 -38.53
CA SER A 222 6.03 -22.13 -37.78
C SER A 222 5.58 -20.83 -37.11
N LEU A 223 6.47 -20.27 -36.30
CA LEU A 223 6.23 -19.03 -35.56
C LEU A 223 5.59 -17.97 -36.44
N LEU A 224 6.34 -17.58 -37.47
CA LEU A 224 5.89 -16.61 -38.46
C LEU A 224 4.56 -17.03 -39.05
N ASP A 225 4.48 -18.26 -39.56
CA ASP A 225 3.26 -18.80 -40.16
C ASP A 225 2.06 -18.72 -39.21
N TYR A 226 2.30 -19.08 -37.95
CA TYR A 226 1.29 -18.97 -36.90
C TYR A 226 0.77 -17.55 -36.76
N HIS A 227 1.67 -16.61 -36.47
CA HIS A 227 1.28 -15.24 -36.22
C HIS A 227 0.67 -14.56 -37.43
N ALA A 228 1.07 -15.01 -38.62
CA ALA A 228 0.57 -14.46 -39.88
C ALA A 228 -0.80 -15.03 -40.20
N SER A 229 -1.07 -16.22 -39.67
CA SER A 229 -2.37 -16.85 -39.83
C SER A 229 -3.43 -16.05 -39.09
N LYS A 230 -3.07 -15.51 -37.94
CA LYS A 230 -4.00 -14.73 -37.13
C LYS A 230 -4.08 -13.27 -37.60
N GLY A 231 -3.39 -12.98 -38.70
CA GLY A 231 -3.38 -11.65 -39.29
C GLY A 231 -2.78 -10.55 -38.43
N ARG A 232 -1.81 -10.92 -37.60
CA ARG A 232 -1.16 -9.97 -36.70
C ARG A 232 -0.02 -9.23 -37.40
N LEU A 233 0.79 -9.98 -38.15
CA LEU A 233 1.90 -9.40 -38.91
C LEU A 233 1.39 -8.43 -39.96
N GLN A 234 0.23 -8.73 -40.53
CA GLN A 234 -0.44 -7.87 -41.51
C GLN A 234 0.55 -7.32 -42.54
N GLY A 235 1.18 -8.22 -43.29
CA GLY A 235 2.14 -7.83 -44.30
C GLY A 235 3.58 -7.84 -43.84
N ARG A 236 3.87 -7.16 -42.73
CA ARG A 236 5.25 -7.02 -42.25
C ARG A 236 5.86 -8.36 -41.79
N GLU A 237 7.07 -8.64 -42.26
CA GLU A 237 7.82 -9.80 -41.79
C GLU A 237 8.46 -9.44 -40.46
N GLY A 238 8.01 -10.11 -39.40
CA GLY A 238 8.38 -9.76 -38.04
C GLY A 238 9.84 -9.92 -37.73
N GLY A 239 10.25 -9.46 -36.55
CA GLY A 239 11.65 -9.40 -36.18
C GLY A 239 12.28 -10.73 -35.83
N ARG A 240 13.22 -10.70 -34.90
CA ARG A 240 13.90 -11.91 -34.45
C ARG A 240 13.15 -12.53 -33.29
N VAL A 241 13.44 -13.81 -33.03
CA VAL A 241 12.79 -14.54 -31.96
C VAL A 241 13.10 -13.93 -30.59
N ALA A 242 12.05 -13.61 -29.85
CA ALA A 242 12.20 -13.15 -28.48
C ALA A 242 11.67 -14.23 -27.58
N TRP A 243 12.51 -14.68 -26.67
CA TRP A 243 12.11 -15.70 -25.70
C TRP A 243 11.45 -15.05 -24.49
N VAL A 244 10.16 -15.33 -24.34
CA VAL A 244 9.35 -14.67 -23.33
C VAL A 244 8.68 -15.69 -22.41
N ALA A 245 8.46 -15.31 -21.16
CA ALA A 245 7.85 -16.21 -20.20
C ALA A 245 6.66 -15.56 -19.51
N ASP A 246 5.52 -16.23 -19.58
CA ASP A 246 4.31 -15.77 -18.91
C ASP A 246 4.58 -15.62 -17.42
N PRO A 247 4.24 -14.43 -16.87
CA PRO A 247 4.60 -13.99 -15.52
C PRO A 247 4.32 -15.02 -14.44
N LYS A 248 3.28 -15.83 -14.65
CA LYS A 248 2.89 -16.84 -13.67
C LYS A 248 4.01 -17.83 -13.36
N ASP A 249 4.36 -18.68 -14.31
CA ASP A 249 5.44 -19.65 -14.13
C ASP A 249 6.61 -19.35 -15.06
N PRO A 250 7.62 -18.63 -14.53
CA PRO A 250 8.79 -18.22 -15.31
C PRO A 250 9.67 -19.41 -15.69
N ARG A 251 9.40 -20.58 -15.12
CA ARG A 251 10.16 -21.78 -15.44
C ARG A 251 10.06 -22.16 -16.93
N LYS A 252 8.83 -22.18 -17.45
CA LYS A 252 8.60 -22.56 -18.84
C LYS A 252 8.69 -21.37 -19.80
N PRO A 253 9.60 -21.45 -20.79
CA PRO A 253 9.81 -20.42 -21.82
C PRO A 253 8.84 -20.57 -22.98
N ILE A 254 8.62 -19.47 -23.71
CA ILE A 254 7.72 -19.47 -24.87
C ILE A 254 8.29 -18.57 -25.97
N PRO A 255 8.32 -19.08 -27.21
CA PRO A 255 8.79 -18.32 -28.37
C PRO A 255 7.88 -17.14 -28.70
N HIS A 256 8.45 -16.05 -29.19
CA HIS A 256 7.68 -14.90 -29.64
C HIS A 256 8.49 -14.08 -30.64
N LEU A 257 7.97 -12.93 -31.03
CA LEU A 257 8.61 -12.10 -32.05
C LEU A 257 8.75 -10.67 -31.58
N THR A 258 9.94 -10.11 -31.77
CA THR A 258 10.23 -8.75 -31.32
C THR A 258 9.42 -7.70 -32.06
N GLY A 259 8.89 -8.05 -33.23
CA GLY A 259 8.08 -7.14 -33.99
C GLY A 259 6.62 -7.19 -33.57
N LEU A 260 6.29 -8.09 -32.65
CA LEU A 260 4.92 -8.17 -32.14
C LEU A 260 4.89 -7.90 -30.63
N LEU A 261 6.01 -7.43 -30.10
CA LEU A 261 6.10 -7.10 -28.69
C LEU A 261 6.30 -5.60 -28.47
N VAL A 262 5.73 -5.09 -27.39
CA VAL A 262 5.87 -3.69 -27.05
C VAL A 262 6.39 -3.56 -25.64
N PRO A 263 7.50 -2.82 -25.46
CA PRO A 263 8.08 -2.64 -24.13
C PRO A 263 7.09 -2.06 -23.13
N VAL A 264 7.10 -2.60 -21.91
CA VAL A 264 6.31 -2.05 -20.83
C VAL A 264 7.22 -1.24 -19.89
N LEU A 265 7.30 0.06 -20.14
CA LEU A 265 8.33 0.90 -19.54
C LEU A 265 8.04 1.34 -18.11
N THR A 266 9.06 1.20 -17.26
CA THR A 266 9.03 1.70 -15.89
C THR A 266 10.04 2.83 -15.78
N LEU A 267 10.00 3.57 -14.68
CA LEU A 267 10.90 4.71 -14.48
C LEU A 267 12.35 4.25 -14.40
N GLU A 268 12.55 2.93 -14.43
CA GLU A 268 13.85 2.31 -14.35
C GLU A 268 14.63 2.43 -15.66
N ASP A 269 13.91 2.60 -16.77
CA ASP A 269 14.55 2.65 -18.08
C ASP A 269 14.35 4.00 -18.75
N LEU A 279 9.33 13.51 -11.17
CA LEU A 279 8.01 12.95 -11.44
C LEU A 279 7.14 13.00 -10.19
N SER A 280 7.55 13.84 -9.25
CA SER A 280 6.73 14.10 -8.08
C SER A 280 6.56 15.59 -7.91
N LEU A 281 5.48 15.95 -7.23
CA LEU A 281 4.97 17.30 -7.29
C LEU A 281 4.92 17.86 -5.87
N PRO A 282 5.29 19.12 -5.74
CA PRO A 282 5.09 19.90 -4.54
C PRO A 282 3.64 20.20 -4.30
N TRP A 283 3.24 20.28 -3.06
CA TRP A 283 1.85 20.29 -2.79
C TRP A 283 1.24 21.46 -3.46
N GLU A 284 1.94 22.57 -3.47
CA GLU A 284 1.39 23.76 -4.05
C GLU A 284 1.11 23.61 -5.52
N GLU A 285 2.01 22.95 -6.22
CA GLU A 285 1.83 22.70 -7.64
C GLU A 285 0.67 21.81 -7.87
N ARG A 286 0.53 20.79 -7.06
CA ARG A 286 -0.58 19.89 -7.28
C ARG A 286 -1.95 20.49 -7.07
N ARG A 287 -2.09 21.30 -6.05
CA ARG A 287 -3.27 22.10 -5.79
C ARG A 287 -3.62 22.89 -7.05
N ARG A 288 -2.65 23.65 -7.56
CA ARG A 288 -2.83 24.45 -8.77
C ARG A 288 -3.42 23.67 -9.96
N ARG A 289 -2.75 22.57 -10.30
CA ARG A 289 -3.08 21.77 -11.48
C ARG A 289 -4.39 21.03 -11.29
N THR A 290 -4.71 20.71 -10.04
CA THR A 290 -6.01 20.16 -9.72
C THR A 290 -7.04 21.19 -10.13
N ARG A 291 -6.85 22.43 -9.67
CA ARG A 291 -7.76 23.52 -10.03
C ARG A 291 -7.90 23.68 -11.55
N GLU A 292 -6.77 23.87 -12.22
CA GLU A 292 -6.76 24.01 -13.68
C GLU A 292 -7.53 22.92 -14.41
N ILE A 293 -7.11 21.67 -14.22
CA ILE A 293 -7.75 20.55 -14.89
C ILE A 293 -9.24 20.43 -14.54
N ALA A 294 -9.59 20.73 -13.30
CA ALA A 294 -10.99 20.73 -12.90
C ALA A 294 -11.77 21.72 -13.75
N SER A 295 -11.23 22.93 -13.90
CA SER A 295 -11.88 23.97 -14.67
C SER A 295 -12.04 23.54 -16.13
N TRP A 296 -10.96 23.02 -16.71
CA TRP A 296 -11.03 22.59 -18.11
C TRP A 296 -12.03 21.48 -18.36
N ILE A 297 -11.95 20.40 -17.60
CA ILE A 297 -12.89 19.29 -17.76
C ILE A 297 -14.30 19.83 -17.58
N GLY A 298 -14.47 20.71 -16.60
CA GLY A 298 -15.76 21.32 -16.35
C GLY A 298 -16.32 22.02 -17.57
N ARG A 299 -15.48 22.81 -18.24
CA ARG A 299 -15.90 23.48 -19.46
C ARG A 299 -16.22 22.49 -20.56
N ARG A 300 -15.36 21.48 -20.73
CA ARG A 300 -15.51 20.53 -21.84
C ARG A 300 -16.70 19.58 -21.67
N LEU A 301 -17.06 19.28 -20.43
CA LEU A 301 -18.33 18.60 -20.18
C LEU A 301 -19.43 19.65 -20.16
N GLY A 302 -20.66 19.24 -19.89
CA GLY A 302 -21.74 20.19 -19.75
C GLY A 302 -22.16 20.27 -18.31
N LEU A 303 -21.23 19.98 -17.41
CA LEU A 303 -21.56 19.76 -16.01
C LEU A 303 -21.64 21.03 -15.18
N GLY A 304 -21.22 22.15 -15.77
CA GLY A 304 -21.30 23.44 -15.10
C GLY A 304 -20.00 23.94 -14.49
N THR A 305 -20.11 24.89 -13.57
CA THR A 305 -18.94 25.44 -12.91
C THR A 305 -18.52 24.57 -11.74
N PRO A 306 -17.31 24.01 -11.81
CA PRO A 306 -16.79 23.21 -10.70
C PRO A 306 -16.45 24.08 -9.52
N GLU A 307 -16.99 23.74 -8.35
CA GLU A 307 -16.74 24.48 -7.11
C GLU A 307 -16.20 23.55 -6.03
N ALA A 308 -14.92 23.73 -5.69
CA ALA A 308 -14.22 22.84 -4.76
C ALA A 308 -14.92 22.70 -3.41
N VAL A 309 -14.99 21.47 -2.92
CA VAL A 309 -15.68 21.21 -1.66
C VAL A 309 -14.78 21.56 -0.49
N ARG A 310 -15.25 22.47 0.36
CA ARG A 310 -14.50 22.88 1.54
C ARG A 310 -14.96 22.06 2.72
N ALA A 311 -14.05 21.78 3.64
CA ALA A 311 -14.37 20.98 4.81
C ALA A 311 -13.79 21.59 6.08
N GLN A 312 -14.48 21.38 7.19
CA GLN A 312 -14.02 21.83 8.49
C GLN A 312 -12.92 20.90 9.00
N ALA A 313 -11.79 21.47 9.40
CA ALA A 313 -10.68 20.66 9.91
C ALA A 313 -10.14 21.18 11.24
N TYR A 314 -9.31 20.38 11.91
CA TYR A 314 -8.77 20.79 13.19
C TYR A 314 -7.28 20.48 13.26
N ARG A 315 -6.52 21.36 13.92
CA ARG A 315 -5.09 21.16 14.07
C ARG A 315 -4.80 20.47 15.39
N LEU A 316 -4.52 19.17 15.33
CA LEU A 316 -4.18 18.40 16.53
C LEU A 316 -2.89 18.91 17.14
N SER A 317 -2.76 18.76 18.46
CA SER A 317 -1.56 19.19 19.17
C SER A 317 -0.31 18.41 18.76
N ILE A 318 0.82 19.10 18.71
CA ILE A 318 2.10 18.48 18.41
C ILE A 318 2.49 17.53 19.54
N PRO A 319 2.80 16.27 19.20
CA PRO A 319 3.20 15.30 20.22
C PRO A 319 4.50 15.71 20.92
N LYS A 320 4.62 15.36 22.19
CA LYS A 320 5.80 15.69 22.98
C LYS A 320 6.65 14.46 23.27
N LEU A 321 7.47 14.07 22.29
CA LEU A 321 8.42 12.99 22.45
C LEU A 321 9.43 13.31 23.55
N MET A 322 9.98 12.28 24.18
CA MET A 322 10.92 12.47 25.28
C MET A 322 11.88 11.28 25.47
N GLY A 323 13.13 11.59 25.79
CA GLY A 323 14.12 10.59 26.15
C GLY A 323 14.59 10.86 27.57
N ARG A 324 15.88 11.06 27.76
CA ARG A 324 16.39 11.56 29.04
C ARG A 324 16.19 13.07 29.10
N ARG A 325 15.67 13.62 28.02
CA ARG A 325 15.26 15.02 27.94
C ARG A 325 14.37 15.10 26.72
N ALA A 326 13.54 16.14 26.62
CA ALA A 326 12.61 16.30 25.50
C ALA A 326 13.34 16.26 24.15
N VAL A 327 12.61 15.87 23.11
CA VAL A 327 13.25 15.56 21.84
C VAL A 327 12.31 15.80 20.65
N SER A 328 12.87 15.97 19.46
CA SER A 328 12.08 16.24 18.26
C SER A 328 11.97 15.00 17.36
N LYS A 329 13.03 14.19 17.36
CA LYS A 329 13.10 12.97 16.58
C LYS A 329 13.90 11.92 17.37
N PRO A 330 13.69 10.62 17.10
CA PRO A 330 14.39 9.58 17.87
C PRO A 330 15.92 9.58 17.76
N ALA A 331 16.48 10.31 16.80
CA ALA A 331 17.93 10.35 16.64
C ALA A 331 18.63 11.19 17.71
N ASP A 332 17.97 12.25 18.17
CA ASP A 332 18.60 13.13 19.13
C ASP A 332 18.78 12.42 20.47
N ALA A 333 18.05 11.32 20.64
CA ALA A 333 18.23 10.48 21.82
C ALA A 333 19.60 9.80 21.82
N LEU A 334 20.23 9.74 20.66
CA LEU A 334 21.59 9.23 20.57
C LEU A 334 22.58 10.22 21.16
N ARG A 335 22.11 11.44 21.42
CA ARG A 335 22.94 12.46 22.07
C ARG A 335 22.48 12.73 23.50
N VAL A 336 21.16 12.65 23.70
CA VAL A 336 20.50 13.11 24.91
C VAL A 336 20.24 12.00 25.93
N GLY A 337 20.10 10.77 25.45
CA GLY A 337 19.86 9.64 26.32
C GLY A 337 18.46 9.08 26.16
N PHE A 338 18.28 7.83 26.58
CA PHE A 338 17.05 7.11 26.32
C PHE A 338 15.99 7.37 27.38
N TYR A 339 14.77 6.93 27.09
CA TYR A 339 13.70 6.95 28.08
C TYR A 339 13.97 5.89 29.15
N ARG A 340 13.89 4.62 28.74
CA ARG A 340 14.23 3.51 29.62
C ARG A 340 15.47 2.78 29.12
N ALA A 341 16.52 2.78 29.92
CA ALA A 341 17.73 2.06 29.60
C ALA A 341 18.20 1.29 30.82
N GLN A 342 18.07 -0.02 30.75
CA GLN A 342 18.72 -0.85 31.74
C GLN A 342 20.12 -1.09 31.21
N GLU A 343 20.92 -1.84 31.96
CA GLU A 343 22.23 -2.27 31.48
C GLU A 343 22.04 -3.08 30.21
N THR A 344 22.94 -2.90 29.24
CA THR A 344 22.93 -3.73 28.05
C THR A 344 24.33 -4.16 27.64
N ALA A 345 24.40 -5.30 26.97
CA ALA A 345 25.61 -5.72 26.29
C ALA A 345 25.26 -5.90 24.82
N LEU A 346 26.03 -5.25 23.97
CA LEU A 346 25.87 -5.39 22.53
C LEU A 346 27.09 -6.10 21.99
N ALA A 347 26.98 -6.69 20.81
CA ALA A 347 28.10 -7.44 20.23
C ALA A 347 28.30 -7.12 18.76
N LEU A 348 29.56 -7.12 18.32
CA LEU A 348 29.89 -6.86 16.92
C LEU A 348 30.34 -8.11 16.19
N LEU A 349 29.86 -8.29 14.96
CA LEU A 349 30.27 -9.38 14.09
C LEU A 349 30.62 -8.85 12.71
N ARG A 350 31.88 -8.93 12.33
CA ARG A 350 32.31 -8.43 11.03
C ARG A 350 32.48 -9.53 9.99
N LEU A 351 31.64 -9.50 8.95
CA LEU A 351 31.71 -10.48 7.88
C LEU A 351 32.75 -10.13 6.83
N ASP A 352 33.20 -8.88 6.84
CA ASP A 352 34.34 -8.49 6.00
C ASP A 352 35.64 -8.91 6.67
N GLY A 353 36.74 -8.28 6.28
CA GLY A 353 38.05 -8.66 6.80
C GLY A 353 38.49 -7.88 8.03
N ALA A 354 37.92 -6.71 8.24
CA ALA A 354 38.39 -5.83 9.31
C ALA A 354 38.09 -6.35 10.70
N GLN A 355 38.54 -5.62 11.72
CA GLN A 355 38.34 -6.02 13.10
C GLN A 355 37.88 -4.85 13.98
N GLY A 356 37.19 -5.17 15.07
CA GLY A 356 36.80 -4.18 16.05
C GLY A 356 35.78 -3.17 15.57
N TRP A 357 35.27 -2.37 16.50
CA TRP A 357 34.27 -1.36 16.16
C TRP A 357 34.92 -0.17 15.49
N PRO A 358 34.29 0.35 14.42
CA PRO A 358 34.64 1.68 13.93
C PRO A 358 34.40 2.64 15.08
N GLU A 359 35.27 3.60 15.30
CA GLU A 359 35.23 4.35 16.54
C GLU A 359 33.99 5.24 16.74
N PHE A 360 33.39 5.68 15.64
CA PHE A 360 32.24 6.57 15.76
C PHE A 360 30.97 5.88 16.30
N LEU A 361 30.82 4.60 15.99
CA LEU A 361 29.70 3.82 16.51
C LEU A 361 29.85 3.59 17.99
N ARG A 362 31.05 3.18 18.39
CA ARG A 362 31.38 2.91 19.78
C ARG A 362 31.17 4.18 20.58
N ARG A 363 31.63 5.29 20.01
CA ARG A 363 31.53 6.58 20.65
C ARG A 363 30.07 6.98 20.85
N ALA A 364 29.26 6.85 19.81
CA ALA A 364 27.85 7.22 19.90
C ALA A 364 27.10 6.37 20.93
N LEU A 365 27.36 5.07 20.92
CA LEU A 365 26.76 4.18 21.90
C LEU A 365 27.16 4.58 23.33
N LEU A 366 28.47 4.74 23.54
CA LEU A 366 29.01 5.08 24.85
C LEU A 366 28.45 6.39 25.38
N ARG A 367 28.30 7.36 24.50
CA ARG A 367 27.73 8.65 24.90
C ARG A 367 26.28 8.49 25.29
N ALA A 368 25.48 7.91 24.39
CA ALA A 368 24.07 7.70 24.65
C ALA A 368 23.80 6.97 25.98
N PHE A 369 24.59 5.94 26.26
CA PHE A 369 24.43 5.21 27.51
C PHE A 369 24.97 5.97 28.72
N GLY A 370 26.03 6.74 28.51
CA GLY A 370 26.58 7.56 29.57
C GLY A 370 25.57 8.62 30.00
N ALA A 371 24.93 9.24 29.02
CA ALA A 371 23.94 10.28 29.27
C ALA A 371 22.61 9.70 29.76
N SER A 372 22.59 8.41 30.08
CA SER A 372 21.37 7.76 30.53
C SER A 372 21.60 7.08 31.86
N GLY A 373 22.85 7.06 32.31
CA GLY A 373 23.21 6.44 33.57
C GLY A 373 23.14 4.93 33.50
N ALA A 374 23.19 4.40 32.28
CA ALA A 374 23.14 2.97 32.06
C ALA A 374 24.52 2.43 31.70
N SER A 375 24.78 1.19 32.12
CA SER A 375 26.05 0.56 31.78
C SER A 375 25.95 -0.06 30.37
N LEU A 376 27.05 -0.01 29.64
CA LEU A 376 27.10 -0.61 28.31
C LEU A 376 28.35 -1.45 28.17
N ARG A 377 28.16 -2.71 27.77
CA ARG A 377 29.30 -3.57 27.49
C ARG A 377 29.31 -3.91 26.00
N LEU A 378 30.46 -3.74 25.35
CA LEU A 378 30.58 -4.02 23.93
C LEU A 378 31.52 -5.19 23.67
N HIS A 379 30.93 -6.32 23.32
CA HIS A 379 31.72 -7.51 23.01
C HIS A 379 31.97 -7.60 21.51
N THR A 380 33.05 -8.27 21.12
CA THR A 380 33.37 -8.44 19.70
C THR A 380 33.56 -9.90 19.35
N LEU A 381 32.59 -10.46 18.63
CA LEU A 381 32.65 -11.86 18.21
C LEU A 381 33.79 -12.13 17.24
N HIS A 382 34.77 -12.91 17.70
CA HIS A 382 35.94 -13.23 16.88
C HIS A 382 35.73 -14.54 16.14
N ALA A 383 34.58 -14.65 15.47
CA ALA A 383 34.23 -15.86 14.74
C ALA A 383 33.55 -15.52 13.42
N HIS A 384 33.49 -16.51 12.53
CA HIS A 384 32.84 -16.30 11.25
C HIS A 384 31.66 -17.24 11.10
N PRO A 385 30.59 -16.77 10.45
CA PRO A 385 29.39 -17.56 10.14
C PRO A 385 29.70 -18.85 9.37
N SER A 386 30.92 -18.97 8.84
CA SER A 386 31.33 -20.12 8.05
C SER A 386 32.06 -21.17 8.89
N GLN A 387 31.67 -21.30 10.15
CA GLN A 387 32.30 -22.26 11.05
C GLN A 387 31.27 -23.03 11.88
N GLY A 388 30.02 -22.99 11.45
CA GLY A 388 28.92 -23.75 12.02
C GLY A 388 28.94 -24.01 13.52
N LEU A 389 29.91 -24.83 13.94
CA LEU A 389 30.00 -25.29 15.32
C LEU A 389 30.63 -24.24 16.25
N ALA A 390 31.87 -23.88 15.97
CA ALA A 390 32.59 -22.90 16.77
C ALA A 390 31.85 -21.57 16.80
N PHE A 391 31.17 -21.25 15.70
CA PHE A 391 30.39 -20.03 15.62
C PHE A 391 29.17 -20.08 16.54
N ARG A 392 28.54 -21.24 16.61
CA ARG A 392 27.38 -21.41 17.49
C ARG A 392 27.83 -21.43 18.95
N GLU A 393 29.05 -21.88 19.19
CA GLU A 393 29.62 -21.89 20.53
C GLU A 393 29.97 -20.48 20.99
N ALA A 394 30.54 -19.68 20.10
CA ALA A 394 30.84 -18.28 20.37
C ALA A 394 29.54 -17.52 20.59
N LEU A 395 28.53 -17.91 19.82
CA LEU A 395 27.18 -17.36 19.93
C LEU A 395 26.60 -17.59 21.32
N ARG A 396 26.56 -18.84 21.74
CA ARG A 396 26.02 -19.18 23.06
C ARG A 396 26.84 -18.58 24.19
N LYS A 397 28.15 -18.47 23.99
CA LYS A 397 29.01 -17.83 24.99
C LYS A 397 28.68 -16.36 25.13
N ALA A 398 28.43 -15.70 24.00
CA ALA A 398 28.00 -14.31 24.01
C ALA A 398 26.67 -14.18 24.74
N LYS A 399 25.69 -14.98 24.33
CA LYS A 399 24.35 -14.96 24.91
C LYS A 399 24.36 -15.25 26.42
N GLU A 400 25.21 -16.18 26.85
CA GLU A 400 25.30 -16.52 28.27
C GLU A 400 26.08 -15.47 29.08
N GLU A 401 26.35 -14.34 28.47
CA GLU A 401 27.01 -13.24 29.16
C GLU A 401 26.24 -11.94 28.99
N GLY A 402 24.92 -12.07 28.87
CA GLY A 402 24.03 -10.93 28.83
C GLY A 402 24.03 -10.13 27.54
N VAL A 403 24.53 -10.71 26.46
CA VAL A 403 24.45 -10.06 25.16
C VAL A 403 23.01 -10.10 24.65
N GLN A 404 22.47 -8.94 24.30
CA GLN A 404 21.05 -8.82 23.98
C GLN A 404 20.77 -8.62 22.49
N ALA A 405 21.79 -8.20 21.74
CA ALA A 405 21.67 -8.02 20.30
C ALA A 405 23.05 -7.98 19.69
N VAL A 406 23.11 -8.25 18.39
CA VAL A 406 24.37 -8.20 17.67
C VAL A 406 24.25 -7.35 16.41
N LEU A 407 25.26 -6.51 16.19
CA LEU A 407 25.35 -5.68 15.00
C LEU A 407 26.24 -6.37 13.97
N VAL A 408 25.78 -6.42 12.73
CA VAL A 408 26.53 -7.11 11.67
C VAL A 408 27.12 -6.16 10.62
N LEU A 409 28.45 -6.05 10.64
CA LEU A 409 29.13 -5.32 9.58
C LEU A 409 29.51 -6.29 8.48
N THR A 410 29.01 -6.00 7.28
CA THR A 410 29.15 -6.91 6.16
C THR A 410 28.98 -6.14 4.85
N PRO A 411 29.59 -6.65 3.77
CA PRO A 411 29.26 -6.18 2.43
C PRO A 411 27.78 -6.44 2.18
N PRO A 412 27.20 -5.83 1.13
CA PRO A 412 25.80 -6.13 0.80
C PRO A 412 25.61 -7.63 0.68
N MET A 413 24.68 -8.18 1.46
CA MET A 413 24.48 -9.62 1.43
C MET A 413 23.52 -10.04 0.35
N ALA A 414 23.76 -11.24 -0.19
CA ALA A 414 22.75 -11.89 -0.98
C ALA A 414 21.52 -12.03 -0.08
N TRP A 415 20.35 -12.02 -0.70
CA TRP A 415 19.10 -12.04 0.03
C TRP A 415 18.96 -13.30 0.89
N GLU A 416 19.13 -14.46 0.24
CA GLU A 416 19.06 -15.75 0.91
C GLU A 416 20.04 -15.87 2.08
N ASP A 417 21.23 -15.29 1.92
CA ASP A 417 22.24 -15.30 2.97
C ASP A 417 21.87 -14.38 4.13
N ARG A 418 21.22 -13.26 3.81
CA ARG A 418 20.70 -12.35 4.82
C ARG A 418 19.72 -13.12 5.69
N ASN A 419 18.78 -13.80 5.02
CA ASN A 419 17.75 -14.56 5.71
C ASN A 419 18.33 -15.68 6.55
N ARG A 420 19.30 -16.39 5.97
CA ARG A 420 19.94 -17.49 6.68
C ARG A 420 20.65 -17.00 7.94
N LEU A 421 21.46 -15.95 7.79
CA LEU A 421 22.20 -15.41 8.93
C LEU A 421 21.27 -14.94 10.04
N LYS A 422 20.25 -14.18 9.65
CA LYS A 422 19.28 -13.69 10.61
C LYS A 422 18.61 -14.84 11.34
N ALA A 423 18.23 -15.88 10.60
CA ALA A 423 17.58 -17.04 11.18
C ALA A 423 18.48 -17.73 12.19
N LEU A 424 19.72 -17.97 11.79
CA LEU A 424 20.69 -18.66 12.62
C LEU A 424 20.92 -17.93 13.93
N LEU A 425 21.17 -16.63 13.85
CA LEU A 425 21.38 -15.84 15.05
C LEU A 425 20.14 -15.79 15.93
N LEU A 426 18.98 -15.67 15.30
CA LEU A 426 17.73 -15.56 16.03
C LEU A 426 17.39 -16.84 16.80
N ARG A 427 17.72 -17.99 16.21
CA ARG A 427 17.39 -19.27 16.85
C ARG A 427 18.27 -19.56 18.06
N GLU A 428 19.49 -19.01 18.07
CA GLU A 428 20.34 -19.14 19.25
C GLU A 428 19.99 -18.06 20.27
N GLY A 429 19.02 -17.20 19.91
CA GLY A 429 18.46 -16.25 20.85
C GLY A 429 18.87 -14.80 20.63
N LEU A 430 19.55 -14.51 19.53
CA LEU A 430 20.07 -13.17 19.29
C LEU A 430 19.49 -12.47 18.06
N PRO A 431 18.70 -11.41 18.30
CA PRO A 431 18.25 -10.45 17.27
C PRO A 431 19.44 -9.71 16.63
N SER A 432 19.31 -9.28 15.38
CA SER A 432 20.47 -8.80 14.64
C SER A 432 20.20 -7.60 13.74
N GLN A 433 21.19 -6.70 13.65
CA GLN A 433 21.09 -5.55 12.77
C GLN A 433 22.20 -5.56 11.73
N ILE A 434 21.83 -5.33 10.49
CA ILE A 434 22.82 -5.27 9.43
C ILE A 434 23.13 -3.83 9.06
N LEU A 435 24.41 -3.57 8.81
CA LEU A 435 24.88 -2.27 8.34
C LEU A 435 25.94 -2.57 7.30
N ASN A 436 25.79 -2.01 6.11
CA ASN A 436 26.67 -2.37 5.00
C ASN A 436 27.98 -1.62 4.98
N VAL A 437 29.04 -2.29 4.52
CA VAL A 437 30.33 -1.66 4.27
C VAL A 437 30.55 -1.55 2.76
N PRO A 438 31.35 -0.56 2.30
CA PRO A 438 32.10 0.46 3.05
C PRO A 438 31.18 1.43 3.80
N LEU A 439 31.73 2.09 4.81
CA LEU A 439 30.94 2.90 5.71
C LEU A 439 31.75 4.07 6.24
N ARG A 440 31.40 5.27 5.80
CA ARG A 440 32.10 6.47 6.24
C ARG A 440 31.34 7.10 7.40
N GLU A 441 32.06 7.84 8.25
CA GLU A 441 31.44 8.56 9.35
C GLU A 441 30.43 9.59 8.84
N GLU A 442 30.66 10.10 7.63
CA GLU A 442 29.76 11.03 7.00
C GLU A 442 28.37 10.45 6.75
N GLU A 443 28.31 9.17 6.37
CA GLU A 443 27.04 8.49 6.15
C GLU A 443 26.23 8.41 7.44
N ARG A 444 25.96 9.60 7.98
CA ARG A 444 25.45 9.77 9.33
C ARG A 444 24.12 9.09 9.54
N HIS A 445 23.19 9.36 8.64
CA HIS A 445 21.81 8.90 8.80
C HIS A 445 21.70 7.38 8.71
N ARG A 446 22.55 6.79 7.87
CA ARG A 446 22.55 5.35 7.69
C ARG A 446 22.98 4.60 8.97
N TRP A 447 24.13 4.98 9.54
CA TRP A 447 24.59 4.26 10.73
C TRP A 447 23.92 4.71 12.03
N GLU A 448 23.39 5.93 12.03
CA GLU A 448 22.54 6.33 13.15
C GLU A 448 21.24 5.52 13.11
N ASN A 449 20.65 5.39 11.93
CA ASN A 449 19.46 4.57 11.78
C ASN A 449 19.73 3.13 12.20
N ALA A 450 20.86 2.59 11.74
CA ALA A 450 21.25 1.23 12.09
C ALA A 450 21.41 1.08 13.60
N LEU A 451 21.98 2.09 14.23
CA LEU A 451 22.20 2.08 15.67
C LEU A 451 20.89 2.12 16.44
N LEU A 452 19.95 2.95 15.98
CA LEU A 452 18.63 3.00 16.59
C LEU A 452 17.93 1.66 16.45
N GLY A 453 18.08 1.05 15.28
CA GLY A 453 17.50 -0.26 15.01
C GLY A 453 18.06 -1.30 15.95
N LEU A 454 19.38 -1.28 16.10
CA LEU A 454 20.08 -2.22 16.97
C LEU A 454 19.62 -2.04 18.41
N LEU A 455 19.46 -0.80 18.83
CA LEU A 455 19.02 -0.52 20.20
C LEU A 455 17.61 -1.02 20.45
N ALA A 456 16.73 -0.78 19.48
CA ALA A 456 15.35 -1.24 19.58
C ALA A 456 15.26 -2.76 19.58
N LYS A 457 16.17 -3.41 18.87
CA LYS A 457 16.20 -4.87 18.83
C LYS A 457 16.75 -5.47 20.13
N ALA A 458 17.52 -4.68 20.86
CA ALA A 458 18.14 -5.15 22.09
C ALA A 458 17.18 -5.01 23.27
N GLY A 459 16.00 -4.50 23.00
CA GLY A 459 14.96 -4.38 24.01
C GLY A 459 14.80 -3.01 24.64
N LEU A 460 15.54 -2.03 24.14
CA LEU A 460 15.52 -0.69 24.75
C LEU A 460 14.30 0.14 24.39
N GLN A 461 13.82 0.89 25.37
CA GLN A 461 12.83 1.94 25.14
C GLN A 461 13.61 3.23 24.99
N VAL A 462 13.72 3.72 23.75
CA VAL A 462 14.53 4.90 23.49
C VAL A 462 13.73 6.21 23.50
N VAL A 463 12.46 6.15 23.13
CA VAL A 463 11.57 7.31 23.26
C VAL A 463 10.17 6.92 23.73
N ALA A 464 9.51 7.85 24.39
CA ALA A 464 8.14 7.64 24.86
C ALA A 464 7.31 8.91 24.78
N LEU A 465 5.99 8.76 24.83
CA LEU A 465 5.08 9.89 24.73
C LEU A 465 4.65 10.38 26.10
N SER A 466 4.98 11.64 26.39
CA SER A 466 4.48 12.30 27.60
C SER A 466 3.09 12.86 27.32
N GLY A 467 2.10 12.42 28.08
CA GLY A 467 0.74 12.89 27.89
C GLY A 467 -0.35 11.96 28.40
N ALA A 468 -1.56 12.47 28.44
CA ALA A 468 -2.72 11.70 28.89
C ALA A 468 -3.46 11.09 27.70
N TYR A 469 -3.51 9.75 27.68
CA TYR A 469 -4.14 9.03 26.59
C TYR A 469 -5.28 8.14 27.08
N PRO A 470 -6.45 8.24 26.43
CA PRO A 470 -7.67 7.49 26.77
C PRO A 470 -7.42 6.00 26.93
N ALA A 471 -6.81 5.39 25.92
CA ALA A 471 -6.48 3.97 25.99
C ALA A 471 -5.07 3.75 26.53
N GLU A 472 -4.97 2.99 27.62
CA GLU A 472 -3.67 2.69 28.21
C GLU A 472 -2.85 1.82 27.28
N LEU A 473 -3.52 0.92 26.57
CA LEU A 473 -2.86 0.03 25.63
C LEU A 473 -3.45 0.17 24.23
N ALA A 474 -2.57 0.24 23.23
CA ALA A 474 -3.00 0.29 21.84
C ALA A 474 -2.40 -0.88 21.06
N VAL A 475 -3.25 -1.73 20.51
CA VAL A 475 -2.78 -2.86 19.73
C VAL A 475 -3.26 -2.80 18.28
N GLY A 476 -2.37 -3.09 17.34
CA GLY A 476 -2.70 -3.14 15.93
C GLY A 476 -2.41 -4.52 15.37
N PHE A 477 -3.20 -4.93 14.39
CA PHE A 477 -3.11 -6.30 13.88
C PHE A 477 -2.60 -6.33 12.44
N ASP A 478 -2.16 -7.51 12.01
CA ASP A 478 -1.81 -7.74 10.60
C ASP A 478 -1.90 -9.22 10.23
N ALA A 479 -2.52 -9.48 9.08
CA ALA A 479 -2.77 -10.84 8.63
C ALA A 479 -1.74 -11.35 7.62
N GLY A 480 -1.48 -12.65 7.67
CA GLY A 480 -0.54 -13.29 6.76
C GLY A 480 -1.13 -13.39 5.37
N GLY A 481 -2.43 -13.67 5.31
CA GLY A 481 -3.13 -13.72 4.04
C GLY A 481 -3.62 -12.35 3.63
N ARG A 482 -3.99 -12.21 2.36
CA ARG A 482 -4.41 -10.94 1.82
C ARG A 482 -5.75 -10.43 2.37
N GLU A 483 -6.62 -11.35 2.78
CA GLU A 483 -8.00 -10.99 3.10
C GLU A 483 -8.63 -11.66 4.34
N SER A 484 -7.86 -12.50 5.04
CA SER A 484 -8.33 -13.11 6.29
C SER A 484 -7.16 -13.46 7.19
N PHE A 485 -7.45 -13.72 8.46
CA PHE A 485 -6.43 -14.15 9.41
C PHE A 485 -6.31 -15.68 9.46
N ARG A 486 -6.87 -16.35 8.45
CA ARG A 486 -6.87 -17.81 8.36
C ARG A 486 -5.47 -18.42 8.39
N PHE A 487 -4.46 -17.61 8.06
CA PHE A 487 -3.07 -18.07 8.07
C PHE A 487 -2.29 -17.39 9.18
N GLY A 488 -3.00 -16.63 10.01
CA GLY A 488 -2.36 -15.75 10.94
C GLY A 488 -2.16 -14.39 10.28
N GLY A 489 -1.49 -13.48 10.97
CA GLY A 489 -1.06 -13.74 12.32
C GLY A 489 0.10 -12.89 12.81
N ALA A 490 -0.20 -11.63 13.15
CA ALA A 490 0.71 -10.84 13.98
C ALA A 490 0.00 -9.66 14.64
N ALA A 491 0.48 -9.29 15.83
CA ALA A 491 -0.05 -8.11 16.51
C ALA A 491 1.07 -7.35 17.20
N CYS A 492 0.93 -6.03 17.28
CA CYS A 492 1.90 -5.23 18.01
C CYS A 492 1.18 -4.25 18.91
N ALA A 493 1.75 -4.00 20.09
CA ALA A 493 1.09 -3.10 21.02
C ALA A 493 2.06 -2.09 21.62
N VAL A 494 1.52 -0.96 22.04
CA VAL A 494 2.27 0.08 22.75
C VAL A 494 1.41 0.70 23.85
N GLY A 495 2.01 0.91 25.02
CA GLY A 495 1.34 1.61 26.10
C GLY A 495 1.14 3.08 25.82
N GLY A 499 5.19 4.23 27.73
CA GLY A 499 4.55 2.99 27.30
C GLY A 499 5.49 2.03 26.59
N HIS A 500 5.54 0.80 27.08
CA HIS A 500 6.40 -0.24 26.51
C HIS A 500 5.76 -0.86 25.26
N LEU A 501 6.58 -1.50 24.44
CA LEU A 501 6.12 -2.03 23.15
C LEU A 501 6.38 -3.52 22.98
N LEU A 502 5.33 -4.25 22.59
CA LEU A 502 5.41 -5.72 22.49
C LEU A 502 4.87 -6.25 21.16
N TRP A 503 5.18 -7.51 20.86
CA TRP A 503 4.67 -8.15 19.65
C TRP A 503 4.18 -9.56 19.94
N THR A 504 3.31 -10.08 19.08
CA THR A 504 2.72 -11.40 19.28
C THR A 504 2.47 -12.13 17.96
N LEU A 505 2.70 -13.43 17.98
CA LEU A 505 2.45 -14.31 16.84
C LEU A 505 1.53 -15.44 17.25
N PRO A 506 0.92 -16.12 16.25
CA PRO A 506 0.19 -17.36 16.53
C PRO A 506 1.16 -18.53 16.69
N GLU A 507 0.65 -19.73 16.97
CA GLU A 507 1.51 -20.86 17.28
C GLU A 507 1.35 -22.04 16.32
N ALA A 508 2.03 -21.97 15.18
CA ALA A 508 2.07 -23.05 14.19
C ALA A 508 0.67 -23.53 13.75
N GLU A 512 -3.36 -23.41 8.78
CA GLU A 512 -4.78 -23.22 8.50
C GLU A 512 -5.65 -23.32 9.75
N ARG A 513 -6.20 -22.19 10.18
CA ARG A 513 -7.03 -22.16 11.38
C ARG A 513 -8.30 -21.33 11.17
N ILE A 514 -9.27 -21.52 12.06
CA ILE A 514 -10.50 -20.74 12.01
C ILE A 514 -10.15 -19.28 12.19
N PRO A 515 -10.40 -18.48 11.16
CA PRO A 515 -9.90 -17.11 11.08
C PRO A 515 -10.23 -16.25 12.31
N GLN A 516 -11.43 -16.41 12.85
CA GLN A 516 -11.88 -15.55 13.93
C GLN A 516 -11.21 -15.85 15.27
N GLU A 517 -10.52 -16.99 15.35
CA GLU A 517 -9.87 -17.41 16.60
C GLU A 517 -8.46 -16.82 16.75
N VAL A 518 -7.74 -16.71 15.64
CA VAL A 518 -6.38 -16.18 15.62
C VAL A 518 -6.33 -14.77 16.21
N VAL A 519 -7.24 -13.92 15.76
CA VAL A 519 -7.33 -12.54 16.23
C VAL A 519 -7.43 -12.47 17.75
N TRP A 520 -8.38 -13.24 18.30
CA TRP A 520 -8.55 -13.27 19.74
C TRP A 520 -7.32 -13.83 20.44
N ASP A 521 -6.64 -14.80 19.83
CA ASP A 521 -5.44 -15.35 20.43
C ASP A 521 -4.37 -14.26 20.62
N LEU A 522 -4.10 -13.55 19.53
CA LEU A 522 -3.16 -12.43 19.55
C LEU A 522 -3.54 -11.42 20.61
N LEU A 523 -4.78 -10.95 20.54
CA LEU A 523 -5.27 -9.94 21.48
C LEU A 523 -5.11 -10.40 22.93
N GLU A 524 -5.45 -11.67 23.18
CA GLU A 524 -5.43 -12.21 24.52
C GLU A 524 -4.01 -12.26 25.06
N GLU A 525 -3.10 -12.83 24.30
CA GLU A 525 -1.72 -12.87 24.76
C GLU A 525 -1.26 -11.45 25.02
N THR A 526 -1.59 -10.51 24.13
CA THR A 526 -1.17 -9.11 24.29
C THR A 526 -1.59 -8.58 25.65
N LEU A 527 -2.88 -8.74 25.95
CA LEU A 527 -3.43 -8.41 27.25
C LEU A 527 -2.67 -9.10 28.38
N TRP A 528 -2.24 -10.34 28.16
CA TRP A 528 -1.48 -11.07 29.17
C TRP A 528 -0.13 -10.43 29.46
N ALA A 529 0.61 -10.10 28.41
CA ALA A 529 1.89 -9.41 28.53
C ALA A 529 1.72 -8.09 29.28
N PHE A 530 0.63 -7.39 28.96
CA PHE A 530 0.29 -6.18 29.69
C PHE A 530 0.03 -6.50 31.15
N ARG A 531 -0.59 -7.64 31.42
CA ARG A 531 -0.88 -8.08 32.78
C ARG A 531 0.42 -8.35 33.54
N ARG A 532 1.45 -8.78 32.82
CA ARG A 532 2.74 -9.00 33.43
C ARG A 532 3.43 -7.67 33.74
N LYS A 533 3.78 -6.94 32.70
CA LYS A 533 4.61 -5.75 32.88
C LYS A 533 3.90 -4.62 33.63
N ALA A 534 2.57 -4.63 33.62
CA ALA A 534 1.80 -3.56 34.24
C ALA A 534 1.02 -4.01 35.48
N GLY A 535 0.81 -5.30 35.62
CA GLY A 535 0.19 -5.85 36.81
C GLY A 535 -1.32 -5.72 36.88
N ARG A 536 -1.92 -5.15 35.85
CA ARG A 536 -3.36 -4.99 35.78
C ARG A 536 -3.87 -5.27 34.37
N LEU A 537 -5.18 -5.25 34.21
CA LEU A 537 -5.76 -5.23 32.87
C LEU A 537 -6.04 -3.76 32.52
N PRO A 538 -5.97 -3.42 31.22
CA PRO A 538 -6.16 -2.03 30.84
C PRO A 538 -7.60 -1.53 31.04
N SER A 539 -7.75 -0.25 31.34
CA SER A 539 -9.07 0.36 31.49
C SER A 539 -9.78 0.32 30.15
N ARG A 540 -9.33 1.17 29.23
CA ARG A 540 -9.85 1.20 27.87
C ARG A 540 -8.71 0.85 26.94
N VAL A 541 -9.02 0.22 25.80
CA VAL A 541 -7.98 -0.14 24.83
C VAL A 541 -8.25 0.47 23.46
N LEU A 542 -7.20 0.55 22.64
CA LEU A 542 -7.34 1.01 21.26
C LEU A 542 -7.00 -0.10 20.27
N LEU A 543 -8.01 -0.59 19.57
CA LEU A 543 -7.82 -1.65 18.59
C LEU A 543 -7.71 -1.09 17.19
N LEU A 544 -6.60 -1.38 16.52
CA LEU A 544 -6.37 -0.88 15.18
C LEU A 544 -6.17 -2.00 14.17
N ARG A 545 -6.84 -1.87 13.03
CA ARG A 545 -6.72 -2.82 11.95
C ARG A 545 -6.55 -2.04 10.67
N ASP A 546 -5.78 -2.55 9.72
CA ASP A 546 -5.63 -1.83 8.45
C ASP A 546 -6.74 -2.21 7.48
N GLY A 547 -7.94 -2.44 8.02
CA GLY A 547 -9.06 -2.92 7.22
C GLY A 547 -8.67 -4.27 6.64
N ARG A 548 -8.71 -4.35 5.31
CA ARG A 548 -8.08 -5.46 4.59
C ARG A 548 -8.68 -6.82 4.97
N VAL A 549 -9.77 -6.78 5.72
CA VAL A 549 -10.38 -7.96 6.30
C VAL A 549 -11.82 -7.62 6.64
N PRO A 550 -12.68 -8.61 6.64
CA PRO A 550 -14.06 -8.43 7.09
C PRO A 550 -14.09 -8.20 8.57
N GLN A 551 -15.08 -7.47 9.05
CA GLN A 551 -15.20 -7.15 10.44
C GLN A 551 -15.42 -8.32 11.40
N ASP A 552 -16.10 -9.35 10.93
CA ASP A 552 -16.53 -10.50 11.74
C ASP A 552 -15.41 -11.36 12.30
N GLU A 553 -14.19 -11.16 11.78
CA GLU A 553 -13.02 -11.84 12.31
C GLU A 553 -12.67 -11.25 13.69
N PHE A 554 -13.34 -10.16 14.04
CA PHE A 554 -13.12 -9.51 15.32
C PHE A 554 -14.26 -9.69 16.31
N ALA A 555 -15.39 -10.20 15.84
CA ALA A 555 -16.58 -10.38 16.68
C ALA A 555 -16.26 -11.11 17.98
N LEU A 556 -15.55 -12.23 17.87
CA LEU A 556 -15.16 -13.02 19.03
C LEU A 556 -14.30 -12.21 20.00
N ALA A 557 -13.33 -11.48 19.46
CA ALA A 557 -12.45 -10.66 20.28
C ALA A 557 -13.23 -9.52 20.93
N LEU A 558 -14.20 -8.96 20.21
CA LEU A 558 -15.02 -7.89 20.74
C LEU A 558 -15.86 -8.39 21.91
N GLU A 559 -16.45 -9.57 21.75
CA GLU A 559 -17.29 -10.16 22.80
C GLU A 559 -16.48 -10.57 24.03
N ALA A 560 -15.33 -11.20 23.80
CA ALA A 560 -14.44 -11.56 24.90
C ALA A 560 -13.96 -10.32 25.64
N LEU A 561 -13.67 -9.27 24.89
CA LEU A 561 -13.27 -7.98 25.45
C LEU A 561 -14.39 -7.43 26.32
N ALA A 562 -15.62 -7.57 25.85
CA ALA A 562 -16.77 -7.12 26.61
C ALA A 562 -17.12 -8.09 27.74
N ARG A 563 -16.44 -9.23 27.80
CA ARG A 563 -16.70 -10.24 28.83
C ARG A 563 -15.65 -10.25 29.94
N GLU A 564 -14.43 -9.84 29.61
CA GLU A 564 -13.37 -9.71 30.61
C GLU A 564 -13.45 -8.36 31.29
N GLY A 565 -14.47 -7.58 30.93
CA GLY A 565 -14.71 -6.28 31.53
C GLY A 565 -13.74 -5.21 31.09
N ILE A 566 -13.41 -5.21 29.79
CA ILE A 566 -12.46 -4.24 29.27
C ILE A 566 -13.12 -3.32 28.25
N ALA A 567 -12.96 -2.02 28.44
CA ALA A 567 -13.50 -1.04 27.50
C ALA A 567 -12.64 -1.01 26.24
N TYR A 568 -13.26 -0.78 25.09
CA TYR A 568 -12.55 -0.86 23.83
C TYR A 568 -13.08 0.03 22.70
N ASP A 569 -12.21 0.35 21.75
CA ASP A 569 -12.58 1.00 20.50
C ASP A 569 -11.97 0.22 19.33
N LEU A 570 -12.74 0.04 18.27
CA LEU A 570 -12.22 -0.59 17.05
C LEU A 570 -12.19 0.43 15.91
N VAL A 571 -11.00 0.70 15.38
CA VAL A 571 -10.84 1.67 14.31
C VAL A 571 -10.08 1.10 13.11
N SER A 572 -10.69 1.19 11.94
CA SER A 572 -10.08 0.75 10.69
C SER A 572 -9.27 1.88 10.09
N VAL A 573 -8.03 1.58 9.67
CA VAL A 573 -7.10 2.59 9.17
C VAL A 573 -6.64 2.30 7.75
N ARG A 574 -7.19 3.00 6.78
CA ARG A 574 -6.87 2.75 5.38
C ARG A 574 -6.00 3.84 4.76
N LYS A 575 -5.14 3.43 3.82
CA LYS A 575 -4.21 4.33 3.18
C LYS A 575 -4.82 5.14 2.02
N SER A 576 -5.91 4.65 1.45
CA SER A 576 -6.49 5.29 0.28
C SER A 576 -7.97 5.59 0.44
N GLY A 577 -8.54 6.28 -0.53
CA GLY A 577 -9.96 6.57 -0.54
C GLY A 577 -10.32 7.85 0.17
N GLY A 578 -9.28 8.56 0.63
CA GLY A 578 -9.48 9.83 1.30
C GLY A 578 -9.29 11.01 0.37
N GLY A 579 -8.68 10.75 -0.78
CA GLY A 579 -8.35 11.80 -1.72
C GLY A 579 -7.19 12.62 -1.16
N ARG A 580 -7.19 13.91 -1.45
CA ARG A 580 -6.16 14.81 -0.98
C ARG A 580 -6.78 15.95 -0.20
N VAL A 581 -6.00 16.55 0.69
CA VAL A 581 -6.44 17.72 1.44
C VAL A 581 -5.42 18.85 1.33
N TYR A 582 -5.90 20.03 0.94
CA TYR A 582 -5.07 21.22 0.82
C TYR A 582 -5.60 22.32 1.73
N PRO A 583 -4.76 23.30 2.08
CA PRO A 583 -5.27 24.42 2.87
C PRO A 583 -5.87 25.51 2.00
N VAL A 584 -6.86 26.22 2.52
CA VAL A 584 -7.47 27.32 1.79
C VAL A 584 -6.48 28.47 1.69
N GLN A 585 -5.80 28.76 2.80
CA GLN A 585 -4.73 29.75 2.83
C GLN A 585 -3.62 29.29 3.76
N GLY A 586 -2.39 29.73 3.47
CA GLY A 586 -1.27 29.49 4.36
C GLY A 586 -0.53 28.20 4.06
N ARG A 587 0.32 27.80 5.01
CA ARG A 587 1.15 26.63 4.86
C ARG A 587 0.41 25.36 5.22
N LEU A 588 0.96 24.22 4.81
CA LEU A 588 0.36 22.91 5.05
C LEU A 588 1.14 22.20 6.15
N ALA A 589 0.42 21.73 7.16
CA ALA A 589 1.05 21.09 8.32
C ALA A 589 0.41 19.74 8.59
N ASP A 590 1.06 18.92 9.40
CA ASP A 590 0.46 17.65 9.79
C ASP A 590 -0.45 17.90 10.97
N GLY A 591 -0.87 16.81 11.61
CA GLY A 591 -1.77 16.89 12.73
C GLY A 591 -3.11 17.45 12.31
N LEU A 592 -3.48 17.18 11.06
CA LEU A 592 -4.76 17.66 10.55
C LEU A 592 -5.84 16.59 10.66
N TYR A 593 -6.91 16.94 11.35
CA TYR A 593 -8.02 16.02 11.58
C TYR A 593 -9.28 16.55 10.89
N VAL A 594 -9.72 15.83 9.86
CA VAL A 594 -10.88 16.28 9.08
C VAL A 594 -12.09 15.36 9.27
N PRO A 595 -13.06 15.80 10.07
CA PRO A 595 -14.26 14.98 10.31
C PRO A 595 -15.16 14.98 9.09
N LEU A 596 -15.65 13.82 8.69
CA LEU A 596 -16.63 13.78 7.64
C LEU A 596 -18.04 13.55 8.11
N GLU A 597 -18.30 12.50 8.88
CA GLU A 597 -19.65 12.31 9.35
C GLU A 597 -19.88 11.22 10.37
N ASP A 598 -20.34 10.09 9.89
CA ASP A 598 -20.75 9.02 10.77
C ASP A 598 -19.58 8.12 11.08
N LYS A 599 -18.89 8.42 12.16
CA LYS A 599 -17.81 7.58 12.64
C LYS A 599 -16.55 7.53 11.74
N THR A 600 -16.53 8.33 10.67
CA THR A 600 -15.39 8.30 9.75
C THR A 600 -14.71 9.65 9.61
N PHE A 601 -13.39 9.63 9.42
CA PHE A 601 -12.61 10.87 9.35
C PHE A 601 -11.28 10.70 8.62
N LEU A 602 -10.84 11.78 7.98
CA LEU A 602 -9.52 11.84 7.38
C LEU A 602 -8.54 12.31 8.44
N LEU A 603 -7.29 11.88 8.31
CA LEU A 603 -6.24 12.26 9.23
C LEU A 603 -4.90 12.37 8.49
N LEU A 604 -4.41 13.59 8.33
CA LEU A 604 -3.14 13.84 7.67
C LEU A 604 -2.00 13.76 8.69
N THR A 605 -1.40 12.57 8.82
CA THR A 605 -0.48 12.30 9.93
C THR A 605 0.94 12.76 9.70
N VAL A 606 1.31 12.92 8.44
CA VAL A 606 2.72 13.07 8.07
C VAL A 606 2.86 13.90 6.80
N HIS A 607 3.86 14.79 6.80
CA HIS A 607 4.15 15.61 5.62
C HIS A 607 5.48 16.36 5.75
N ARG A 608 6.21 16.44 4.64
CA ARG A 608 7.41 17.26 4.53
C ARG A 608 7.41 17.90 3.15
N ASP A 609 7.85 19.15 3.06
CA ASP A 609 7.83 19.92 1.82
C ASP A 609 8.41 19.18 0.59
N PHE A 610 9.68 18.78 0.68
CA PHE A 610 10.34 18.05 -0.41
C PHE A 610 9.66 16.72 -0.73
N ARG A 611 8.82 16.24 0.18
CA ARG A 611 8.17 14.93 0.01
C ARG A 611 6.81 15.00 -0.67
N GLY A 612 6.78 15.57 -1.87
CA GLY A 612 5.54 15.65 -2.61
C GLY A 612 4.35 16.23 -1.86
N THR A 613 3.19 15.63 -2.10
CA THR A 613 1.95 16.04 -1.47
C THR A 613 1.53 14.89 -0.57
N PRO A 614 1.03 15.20 0.64
CA PRO A 614 0.61 14.14 1.56
C PRO A 614 -0.67 13.44 1.11
N ARG A 615 -0.79 12.18 1.50
CA ARG A 615 -2.00 11.40 1.25
C ARG A 615 -2.66 11.06 2.58
N PRO A 616 -3.77 11.74 2.90
CA PRO A 616 -4.46 11.57 4.19
C PRO A 616 -4.87 10.12 4.39
N LEU A 617 -4.84 9.64 5.63
CA LEU A 617 -5.35 8.33 5.97
C LEU A 617 -6.85 8.44 6.18
N LYS A 618 -7.58 7.36 5.89
CA LYS A 618 -9.02 7.36 6.09
C LYS A 618 -9.36 6.36 7.19
N LEU A 619 -9.98 6.85 8.25
CA LEU A 619 -10.22 6.02 9.42
C LEU A 619 -11.70 5.90 9.76
N VAL A 620 -12.11 4.68 10.10
CA VAL A 620 -13.50 4.41 10.42
C VAL A 620 -13.63 3.91 11.86
N HIS A 621 -14.63 4.42 12.58
CA HIS A 621 -14.86 4.00 13.95
C HIS A 621 -15.95 2.94 13.99
N GLU A 622 -15.55 1.68 14.12
CA GLU A 622 -16.48 0.56 13.98
C GLU A 622 -17.15 0.14 15.29
N ALA A 623 -16.39 0.10 16.36
CA ALA A 623 -16.92 -0.19 17.69
C ALA A 623 -16.64 0.96 18.65
N GLY A 624 -16.93 0.75 19.94
CA GLY A 624 -16.68 1.75 20.96
C GLY A 624 -17.49 3.02 20.79
N ASP A 625 -17.26 3.99 21.66
CA ASP A 625 -17.96 5.28 21.57
C ASP A 625 -17.15 6.41 22.19
N THR A 626 -15.83 6.34 22.08
CA THR A 626 -14.96 7.44 22.47
C THR A 626 -15.14 8.57 21.46
N PRO A 627 -15.07 9.83 21.92
CA PRO A 627 -15.13 10.97 21.00
C PRO A 627 -14.09 10.83 19.89
N LEU A 628 -14.53 11.01 18.65
CA LEU A 628 -13.70 10.83 17.46
C LEU A 628 -12.39 11.61 17.57
N GLU A 629 -12.49 12.87 17.97
CA GLU A 629 -11.33 13.74 18.09
C GLU A 629 -10.27 13.15 19.01
N ALA A 630 -10.70 12.50 20.07
CA ALA A 630 -9.78 11.87 21.01
C ALA A 630 -9.00 10.74 20.33
N LEU A 631 -9.71 9.90 19.59
CA LEU A 631 -9.11 8.79 18.85
C LEU A 631 -8.10 9.31 17.83
N ALA A 632 -8.49 10.35 17.11
CA ALA A 632 -7.59 11.00 16.16
C ALA A 632 -6.33 11.46 16.88
N HIS A 633 -6.52 12.06 18.06
CA HIS A 633 -5.41 12.60 18.84
C HIS A 633 -4.40 11.51 19.20
N GLN A 634 -4.91 10.42 19.77
CA GLN A 634 -4.04 9.31 20.17
C GLN A 634 -3.37 8.59 18.99
N ILE A 635 -4.13 8.33 17.93
CA ILE A 635 -3.61 7.69 16.73
C ILE A 635 -2.49 8.52 16.09
N PHE A 636 -2.78 9.79 15.89
CA PHE A 636 -1.79 10.72 15.36
C PHE A 636 -0.58 10.77 16.25
N HIS A 637 -0.79 10.69 17.56
CA HIS A 637 0.37 10.69 18.45
C HIS A 637 1.21 9.42 18.30
N LEU A 638 0.55 8.29 18.12
CA LEU A 638 1.23 7.00 17.96
C LEU A 638 2.02 6.97 16.66
N THR A 639 1.67 7.87 15.75
CA THR A 639 2.50 8.10 14.57
C THR A 639 3.98 8.42 14.90
N ARG A 640 4.25 8.94 16.09
CA ARG A 640 5.61 9.33 16.45
C ARG A 640 6.40 8.29 17.25
N LEU A 641 5.73 7.22 17.65
CA LEU A 641 6.32 6.26 18.58
C LEU A 641 7.17 5.19 17.92
N TYR A 642 7.22 5.19 16.60
CA TYR A 642 8.07 4.25 15.87
C TYR A 642 9.52 4.68 16.03
N PRO A 643 10.33 3.84 16.68
CA PRO A 643 11.67 4.23 17.14
C PRO A 643 12.81 3.79 16.22
N ALA A 644 12.50 3.15 15.10
CA ALA A 644 13.54 2.58 14.24
C ALA A 644 13.82 3.43 13.00
N SER A 645 13.04 4.48 12.82
CA SER A 645 13.26 5.41 11.73
C SER A 645 14.20 6.52 12.18
N GLY A 646 13.75 7.36 13.10
CA GLY A 646 14.65 8.30 13.73
C GLY A 646 14.85 9.65 13.06
N PHE A 647 14.41 9.78 11.81
CA PHE A 647 14.48 11.07 11.13
C PHE A 647 13.16 11.42 10.47
N ALA A 648 12.37 10.40 10.17
CA ALA A 648 11.06 10.62 9.58
C ALA A 648 10.06 9.74 10.31
N PHE A 649 8.87 10.28 10.55
CA PHE A 649 7.83 9.51 11.19
C PHE A 649 7.06 8.76 10.13
N PRO A 650 6.65 7.52 10.46
CA PRO A 650 5.77 6.68 9.64
C PRO A 650 4.41 7.34 9.46
N ARG A 651 3.76 7.03 8.35
CA ARG A 651 2.44 7.57 8.08
C ARG A 651 1.39 6.86 8.93
N LEU A 652 1.58 5.56 9.13
CA LEU A 652 0.66 4.74 9.93
C LEU A 652 1.10 4.68 11.39
N PRO A 653 0.13 4.59 12.30
CA PRO A 653 0.36 4.37 13.73
C PRO A 653 1.34 3.24 13.94
N ALA A 654 2.23 3.42 14.92
CA ALA A 654 3.26 2.44 15.24
C ALA A 654 2.80 0.98 15.30
N PRO A 655 1.67 0.69 15.96
CA PRO A 655 1.25 -0.73 15.98
C PRO A 655 1.00 -1.35 14.61
N LEU A 656 0.40 -0.59 13.70
CA LEU A 656 0.12 -1.12 12.37
C LEU A 656 1.39 -1.24 11.54
N HIS A 657 2.25 -0.24 11.65
CA HIS A 657 3.51 -0.21 10.91
C HIS A 657 4.35 -1.41 11.34
N LEU A 658 4.51 -1.55 12.65
CA LEU A 658 5.24 -2.65 13.26
C LEU A 658 4.65 -4.02 12.94
N ALA A 659 3.32 -4.13 12.97
CA ALA A 659 2.68 -5.39 12.64
C ALA A 659 3.03 -5.78 11.21
N ASP A 660 2.85 -4.83 10.28
CA ASP A 660 3.25 -5.03 8.89
C ASP A 660 4.70 -5.55 8.77
N ARG A 661 5.62 -4.84 9.42
CA ARG A 661 7.04 -5.26 9.39
C ARG A 661 7.24 -6.66 9.95
N LEU A 662 6.49 -6.97 11.00
CA LEU A 662 6.57 -8.26 11.67
C LEU A 662 6.14 -9.41 10.77
N VAL A 663 4.97 -9.32 10.14
CA VAL A 663 4.57 -10.40 9.26
C VAL A 663 5.48 -10.48 8.03
N LYS A 664 6.00 -9.34 7.58
CA LYS A 664 6.93 -9.36 6.47
C LYS A 664 8.16 -10.18 6.84
N GLU A 665 8.65 -9.95 8.06
CA GLU A 665 9.84 -10.64 8.53
C GLU A 665 9.59 -12.12 8.85
N VAL A 666 8.41 -12.44 9.36
CA VAL A 666 8.06 -13.85 9.60
C VAL A 666 7.99 -14.60 8.28
N GLY A 667 7.38 -13.99 7.27
CA GLY A 667 7.29 -14.59 5.95
C GLY A 667 8.67 -14.72 5.33
N ARG A 668 9.54 -13.77 5.64
CA ARG A 668 10.89 -13.76 5.09
C ARG A 668 11.79 -14.83 5.73
N LEU A 669 11.73 -14.96 7.05
CA LEU A 669 12.58 -15.89 7.79
C LEU A 669 11.94 -17.26 7.97
N GLY A 670 10.61 -17.30 7.89
CA GLY A 670 9.88 -18.54 8.07
C GLY A 670 9.97 -19.02 9.50
N ILE A 671 9.62 -18.14 10.44
CA ILE A 671 9.74 -18.47 11.85
C ILE A 671 8.37 -18.56 12.50
N ARG A 672 7.53 -19.46 12.00
CA ARG A 672 6.22 -19.72 12.60
C ARG A 672 6.38 -20.44 13.94
N HIS A 673 7.63 -20.70 14.31
CA HIS A 673 7.95 -21.30 15.60
C HIS A 673 9.22 -20.68 16.15
N LEU A 674 9.06 -19.63 16.96
CA LEU A 674 10.19 -18.90 17.53
C LEU A 674 9.91 -18.46 18.97
N LYS A 675 10.35 -19.27 19.92
CA LYS A 675 10.11 -19.04 21.34
C LYS A 675 11.42 -18.74 22.06
N GLU A 676 12.43 -18.41 21.27
CA GLU A 676 13.80 -18.27 21.75
C GLU A 676 14.18 -16.81 21.98
N VAL A 677 13.26 -15.91 21.65
CA VAL A 677 13.49 -14.48 21.78
C VAL A 677 12.37 -13.85 22.60
N ASP A 678 12.73 -12.91 23.48
CA ASP A 678 11.77 -12.23 24.33
C ASP A 678 10.85 -11.32 23.51
N ARG A 679 9.65 -11.09 24.01
CA ARG A 679 8.65 -10.33 23.27
C ARG A 679 8.73 -8.82 23.53
N GLU A 680 9.73 -8.40 24.30
CA GLU A 680 10.00 -6.99 24.53
C GLU A 680 11.04 -6.48 23.53
N LYS A 681 11.69 -7.43 22.86
CA LYS A 681 12.69 -7.10 21.84
C LYS A 681 12.08 -7.09 20.44
N LEU A 682 12.35 -6.02 19.69
CA LEU A 682 11.76 -5.85 18.37
C LEU A 682 12.72 -6.26 17.25
N PHE A 683 12.95 -7.56 17.14
CA PHE A 683 13.97 -8.12 16.25
C PHE A 683 13.78 -7.84 14.74
N PHE A 684 12.64 -7.28 14.37
CA PHE A 684 12.21 -7.26 12.97
C PHE A 684 12.16 -5.88 12.30
N VAL A 685 13.13 -5.03 12.57
CA VAL A 685 13.09 -3.66 12.03
C VAL A 685 14.27 -3.32 11.10
MG MG D . 15.61 -2.94 9.68
#